data_7Y47
#
_entry.id   7Y47
#
_cell.length_a   55.859
_cell.length_b   83.971
_cell.length_c   192.535
_cell.angle_alpha   90.000
_cell.angle_beta   90.000
_cell.angle_gamma   90.000
#
_symmetry.space_group_name_H-M   'P 21 21 21'
#
loop_
_entity.id
_entity.type
_entity.pdbx_description
1 polymer 'Bifunctional diterpene synthase, chloroplastic'
2 non-polymer IMIDAZOLE
3 non-polymer 'GERANYLGERANYL DIPHOSPHATE'
4 water water
#
_entity_poly.entity_id   1
_entity_poly.type   'polypeptide(L)'
_entity_poly.pdbx_seq_one_letter_code
;MGDRVEELDTRETSLLVAEVKGWLMKLASGKGEISPSAYDTAWVARIPSESDSSLPEFPEALEWIINSQLPDGSWGDDRH
LQLYDRVLSTLSCLVTLKTWDIGHNSIAQGTKFLRENMIKLKQDDGDLLSGFEVTFPMMLHEAKQLGLDIPYETEFTRLL
EISTKKKLAKIPLDKIHSAPTTLLYSLEGLQDLEIDWQKILKLQSKDGSFLSSPSSTACVYLKTKGRKSLQYLQNAMEDQ
NYAVPCHYPIDLFESLWVVDTIERLGIDVFFRDEIKAVLDYVYSFWTNEGIGWGSTCLVNDIDDTAMAFRILRMHGYNVS
TDAFNQFWLPGDKFCCFVGELSHGVSEMLNLHRASQVDFPNEAILTKTFKYSHDYLLNVDSAHMDKWATKKNLMGEVAFE
LANPFHDCLPRIYNNAYIKHYGMDDLWIAKTIYRLPLVNNKVFLELANRYAQQCQLYQPAELTKLVNWWHSSRFEDIPST
RLTANIDMLPYIYYVICATFHEQEFAQLRVFFSKACCLNTLFDDLMDCATSIEELDRLQNVIEKWDISLSHELPLEYRIP
FQEFYNTVLVMTEAASKIHKNLSPEFICKYLSGIYTKLIKSEIADARWKIEGYIPSFEEYMENAEVSISTWVHVLMSILF
CGEPLTEEILNTIYDSRPLKLDRIICRLCNDIQTYKIEMKLGQPTQGVSCYMKEHPGATEEDALVYLQSLLEKTKRELNE
SYFITHENDLPKNIKRFNFEMVRMMLITYNETRQVDLFRNPDNELKDMIKFCLETYRTLLEHHHHHH
;
_entity_poly.pdbx_strand_id   B
#
loop_
_chem_comp.id
_chem_comp.type
_chem_comp.name
_chem_comp.formula
GRG non-polymer 'GERANYLGERANYL DIPHOSPHATE' 'C20 H36 O7 P2'
IMD non-polymer IMIDAZOLE 'C3 H5 N2 1'
#
# COMPACT_ATOMS: atom_id res chain seq x y z
N GLU A 7 -2.66 24.56 -2.14
CA GLU A 7 -1.58 24.39 -3.12
C GLU A 7 -0.20 24.52 -2.50
N LEU A 8 0.62 23.50 -2.72
CA LEU A 8 1.88 23.34 -2.00
C LEU A 8 3.11 23.70 -2.83
N ASP A 9 2.98 23.72 -4.17
CA ASP A 9 4.08 24.00 -5.07
C ASP A 9 3.53 24.71 -6.28
N THR A 10 4.29 25.69 -6.78
CA THR A 10 3.79 26.59 -7.82
C THR A 10 4.08 26.11 -9.23
N ARG A 11 5.04 25.22 -9.41
CA ARG A 11 5.51 24.92 -10.75
C ARG A 11 4.49 24.07 -11.50
N GLU A 12 4.56 24.16 -12.84
CA GLU A 12 3.85 23.27 -13.74
C GLU A 12 4.05 21.82 -13.35
N THR A 13 3.03 21.00 -13.58
CA THR A 13 3.15 19.55 -13.43
C THR A 13 4.38 19.00 -14.16
N SER A 14 4.61 19.45 -15.40
CA SER A 14 5.74 18.94 -16.16
C SER A 14 7.06 19.16 -15.42
N LEU A 15 7.20 20.28 -14.72
CA LEU A 15 8.41 20.49 -13.91
C LEU A 15 8.49 19.52 -12.75
N LEU A 16 7.41 19.43 -11.94
CA LEU A 16 7.37 18.48 -10.82
C LEU A 16 7.72 17.06 -11.27
N VAL A 17 7.05 16.59 -12.34
CA VAL A 17 7.24 15.23 -12.83
C VAL A 17 8.68 14.99 -13.26
N ALA A 18 9.30 16.00 -13.89
CA ALA A 18 10.70 15.86 -14.28
C ALA A 18 11.61 15.78 -13.05
N GLU A 19 11.31 16.55 -12.01
CA GLU A 19 12.12 16.51 -10.80
C GLU A 19 12.08 15.12 -10.15
N VAL A 20 10.88 14.58 -9.95
CA VAL A 20 10.74 13.27 -9.32
C VAL A 20 11.39 12.18 -10.17
N LYS A 21 11.32 12.32 -11.50
CA LYS A 21 12.02 11.37 -12.37
C LYS A 21 13.51 11.37 -12.12
N GLY A 22 14.09 12.56 -11.93
CA GLY A 22 15.49 12.62 -11.53
C GLY A 22 15.76 11.90 -10.22
N TRP A 23 14.93 12.18 -9.20
CA TRP A 23 15.11 11.50 -7.90
C TRP A 23 15.06 9.98 -8.08
N LEU A 24 14.12 9.50 -8.88
CA LEU A 24 13.96 8.06 -9.04
C LEU A 24 15.16 7.43 -9.76
N MET A 25 15.68 8.09 -10.80
CA MET A 25 16.83 7.50 -11.50
C MET A 25 18.06 7.50 -10.61
N LYS A 26 18.19 8.49 -9.72
CA LYS A 26 19.26 8.44 -8.73
C LYS A 26 19.07 7.27 -7.78
N LEU A 27 17.85 7.07 -7.29
CA LEU A 27 17.56 5.91 -6.44
C LEU A 27 17.82 4.61 -7.19
N ALA A 28 17.59 4.59 -8.50
CA ALA A 28 17.81 3.36 -9.25
C ALA A 28 19.30 3.08 -9.48
N SER A 29 20.16 3.99 -9.04
CA SER A 29 21.59 3.74 -8.93
C SER A 29 22.07 3.74 -7.49
N GLY A 30 21.15 3.59 -6.53
CA GLY A 30 21.54 3.48 -5.13
C GLY A 30 21.92 4.79 -4.49
N LYS A 31 21.47 5.92 -5.02
CA LYS A 31 21.77 7.22 -4.43
C LYS A 31 20.48 7.93 -4.03
N GLY A 32 20.40 8.33 -2.78
CA GLY A 32 19.20 8.89 -2.20
C GLY A 32 19.55 10.10 -1.36
N GLU A 33 18.72 10.38 -0.36
CA GLU A 33 18.84 11.61 0.41
C GLU A 33 18.37 11.33 1.84
N ILE A 34 19.30 11.41 2.79
CA ILE A 34 18.98 11.28 4.21
C ILE A 34 19.68 12.41 4.96
N SER A 35 18.96 13.06 5.86
CA SER A 35 19.52 14.22 6.52
C SER A 35 20.72 13.79 7.37
N PRO A 36 21.71 14.67 7.53
CA PRO A 36 22.88 14.32 8.33
C PRO A 36 22.51 14.21 9.80
N SER A 37 23.36 13.47 10.51
CA SER A 37 23.18 13.28 11.95
C SER A 37 24.32 14.00 12.66
N ALA A 38 24.01 15.11 13.32
CA ALA A 38 25.02 15.85 14.07
C ALA A 38 25.75 14.95 15.06
N TYR A 39 25.02 14.11 15.79
CA TYR A 39 25.64 13.16 16.72
C TYR A 39 26.63 12.24 16.02
N ASP A 40 26.26 11.68 14.85
CA ASP A 40 27.11 10.72 14.15
C ASP A 40 28.28 11.42 13.46
N THR A 41 28.02 12.60 12.89
CA THR A 41 29.09 13.36 12.26
C THR A 41 30.16 13.74 13.29
N ALA A 42 29.73 14.14 14.48
CA ALA A 42 30.71 14.49 15.52
C ALA A 42 31.43 13.25 16.05
N TRP A 43 30.73 12.12 16.17
CA TRP A 43 31.40 10.89 16.59
C TRP A 43 32.52 10.53 15.62
N VAL A 44 32.20 10.42 14.34
CA VAL A 44 33.19 9.93 13.38
C VAL A 44 34.36 10.91 13.31
N ALA A 45 34.10 12.20 13.50
CA ALA A 45 35.17 13.21 13.43
C ALA A 45 36.09 13.17 14.65
N ARG A 46 35.82 12.34 15.66
CA ARG A 46 36.83 12.05 16.66
C ARG A 46 38.08 11.42 16.06
N ILE A 47 37.96 10.76 14.92
CA ILE A 47 39.03 9.90 14.43
C ILE A 47 40.21 10.75 13.99
N PRO A 48 41.43 10.44 14.40
CA PRO A 48 42.60 11.16 13.89
C PRO A 48 43.19 10.47 12.67
N SER A 49 43.89 11.26 11.86
CA SER A 49 44.53 10.71 10.69
C SER A 49 45.56 9.67 11.09
N GLU A 50 45.70 8.64 10.25
CA GLU A 50 46.73 7.63 10.52
C GLU A 50 48.11 8.16 10.13
N SER A 51 48.16 9.08 9.15
CA SER A 51 49.41 9.73 8.77
C SER A 51 49.97 10.53 9.94
N ASP A 52 49.13 11.33 10.59
CA ASP A 52 49.56 12.21 11.68
C ASP A 52 48.46 12.20 12.73
N SER A 53 48.69 11.46 13.81
CA SER A 53 47.64 11.29 14.79
C SER A 53 47.28 12.59 15.51
N SER A 54 48.02 13.67 15.29
CA SER A 54 47.71 14.95 15.88
C SER A 54 46.72 15.75 15.04
N LEU A 55 46.38 15.28 13.84
CA LEU A 55 45.44 15.96 12.97
C LEU A 55 44.20 15.09 12.72
N PRO A 56 43.04 15.71 12.50
CA PRO A 56 41.82 14.92 12.30
C PRO A 56 41.76 14.29 10.91
N GLU A 57 41.19 13.09 10.85
CA GLU A 57 40.93 12.47 9.57
C GLU A 57 39.86 13.21 8.77
N PHE A 58 38.88 13.83 9.43
CA PHE A 58 37.73 14.46 8.75
C PHE A 58 37.58 15.93 9.11
N PRO A 59 38.59 16.76 8.81
CA PRO A 59 38.47 18.20 9.12
C PRO A 59 37.20 18.84 8.54
N GLU A 60 36.77 18.45 7.34
CA GLU A 60 35.55 19.00 6.76
C GLU A 60 34.34 18.70 7.64
N ALA A 61 34.33 17.52 8.31
CA ALA A 61 33.24 17.25 9.23
C ALA A 61 33.29 18.19 10.42
N LEU A 62 34.49 18.56 10.89
CA LEU A 62 34.57 19.52 11.98
C LEU A 62 34.11 20.93 11.54
N GLU A 63 34.37 21.30 10.28
CA GLU A 63 33.82 22.56 9.79
C GLU A 63 32.31 22.50 9.68
N TRP A 64 31.76 21.35 9.24
CA TRP A 64 30.31 21.18 9.14
C TRP A 64 29.64 21.33 10.51
N ILE A 65 30.21 20.69 11.54
CA ILE A 65 29.67 20.83 12.90
C ILE A 65 29.54 22.30 13.28
N ILE A 66 30.60 23.06 13.08
CA ILE A 66 30.64 24.46 13.46
C ILE A 66 29.65 25.30 12.65
N ASN A 67 29.44 24.98 11.38
CA ASN A 67 28.52 25.74 10.55
C ASN A 67 27.07 25.26 10.63
N SER A 68 26.80 24.19 11.37
CA SER A 68 25.45 23.65 11.44
C SER A 68 24.83 23.88 12.80
N GLN A 69 25.58 24.41 13.76
CA GLN A 69 25.00 24.71 15.05
C GLN A 69 23.77 25.60 14.87
N LEU A 70 22.71 25.28 15.59
CA LEU A 70 21.47 26.04 15.48
C LEU A 70 21.57 27.36 16.25
N PRO A 71 20.68 28.32 15.97
CA PRO A 71 20.82 29.65 16.60
C PRO A 71 20.68 29.66 18.11
N ASP A 72 20.17 28.58 18.73
CA ASP A 72 20.06 28.51 20.18
C ASP A 72 21.22 27.72 20.83
N GLY A 73 22.27 27.40 20.08
CA GLY A 73 23.42 26.71 20.64
C GLY A 73 23.36 25.20 20.55
N SER A 74 22.24 24.64 20.14
CA SER A 74 22.08 23.21 20.07
C SER A 74 22.38 22.71 18.66
N TRP A 75 22.60 21.41 18.56
CA TRP A 75 22.60 20.70 17.30
C TRP A 75 21.48 19.68 17.35
N GLY A 76 20.94 19.30 16.20
CA GLY A 76 19.84 18.36 16.14
C GLY A 76 18.84 18.78 15.09
N ASP A 77 17.63 18.19 15.12
CA ASP A 77 16.65 18.54 14.09
C ASP A 77 16.15 19.96 14.27
N ASP A 78 16.22 20.73 13.17
CA ASP A 78 15.84 22.14 13.18
C ASP A 78 14.32 22.33 13.34
N ARG A 79 13.52 21.61 12.56
CA ARG A 79 12.08 21.91 12.51
C ARG A 79 11.27 21.30 13.66
N HIS A 80 11.69 20.16 14.22
CA HIS A 80 11.00 19.53 15.35
C HIS A 80 11.99 19.44 16.50
N LEU A 81 11.82 20.30 17.51
CA LEU A 81 12.70 20.29 18.67
C LEU A 81 12.27 19.18 19.61
N GLN A 82 13.17 18.23 19.84
CA GLN A 82 12.93 17.16 20.79
C GLN A 82 14.14 17.09 21.72
N LEU A 83 13.89 17.26 23.02
CA LEU A 83 15.00 17.47 23.95
C LEU A 83 16.00 16.32 23.91
N TYR A 84 15.53 15.08 23.79
CA TYR A 84 16.46 13.97 23.66
C TYR A 84 17.38 14.18 22.45
N ASP A 85 16.79 14.47 21.30
CA ASP A 85 17.56 14.70 20.08
C ASP A 85 18.54 15.86 20.25
N ARG A 86 18.07 16.98 20.79
CA ARG A 86 18.93 18.15 20.91
C ARG A 86 20.04 17.90 21.91
N VAL A 87 19.69 17.35 23.08
CA VAL A 87 20.69 17.18 24.13
C VAL A 87 21.75 16.19 23.70
N LEU A 88 21.33 15.04 23.15
CA LEU A 88 22.30 14.02 22.73
C LEU A 88 23.19 14.55 21.61
N SER A 89 22.59 15.20 20.61
CA SER A 89 23.35 15.70 19.47
C SER A 89 24.34 16.77 19.91
N THR A 90 23.88 17.72 20.74
CA THR A 90 24.75 18.79 21.21
C THR A 90 25.92 18.26 22.02
N LEU A 91 25.63 17.33 22.95
CA LEU A 91 26.68 16.66 23.70
C LEU A 91 27.78 16.13 22.78
N SER A 92 27.43 15.20 21.90
CA SER A 92 28.38 14.71 20.91
C SER A 92 29.19 15.83 20.24
N CYS A 93 28.51 16.86 19.73
CA CYS A 93 29.21 17.97 19.09
C CYS A 93 30.17 18.66 20.03
N LEU A 94 29.73 18.90 21.26
CA LEU A 94 30.62 19.55 22.21
C LEU A 94 31.84 18.68 22.47
N VAL A 95 31.63 17.37 22.67
CA VAL A 95 32.74 16.49 23.06
C VAL A 95 33.81 16.51 21.98
N THR A 96 33.40 16.59 20.72
CA THR A 96 34.32 16.51 19.60
C THR A 96 35.01 17.84 19.29
N LEU A 97 34.27 18.95 19.37
CA LEU A 97 34.94 20.24 19.24
C LEU A 97 35.98 20.41 20.34
N LYS A 98 35.61 20.05 21.58
CA LYS A 98 36.54 20.18 22.69
C LYS A 98 37.75 19.25 22.53
N THR A 99 37.50 17.98 22.19
CA THR A 99 38.61 17.05 22.00
C THR A 99 39.69 17.62 21.07
N TRP A 100 39.28 18.27 19.98
CA TRP A 100 40.21 18.83 19.01
C TRP A 100 40.58 20.28 19.31
N ASP A 101 40.15 20.82 20.45
CA ASP A 101 40.40 22.20 20.87
C ASP A 101 40.14 23.21 19.74
N ILE A 102 38.92 23.15 19.21
CA ILE A 102 38.46 24.12 18.22
C ILE A 102 37.04 24.53 18.58
N GLY A 103 36.50 25.48 17.81
CA GLY A 103 35.14 25.95 18.01
C GLY A 103 34.83 26.50 19.39
N HIS A 104 35.67 27.39 19.90
CA HIS A 104 35.46 27.95 21.24
C HIS A 104 34.11 28.66 21.35
N ASN A 105 33.75 29.46 20.35
CA ASN A 105 32.45 30.11 20.39
C ASN A 105 31.33 29.08 20.36
N SER A 106 31.41 28.11 19.44
CA SER A 106 30.37 27.06 19.37
C SER A 106 30.26 26.30 20.68
N ILE A 107 31.39 25.93 21.27
CA ILE A 107 31.36 25.30 22.58
C ILE A 107 30.65 26.22 23.59
N ALA A 108 30.95 27.52 23.54
CA ALA A 108 30.30 28.46 24.46
C ALA A 108 28.79 28.43 24.29
N GLN A 109 28.30 28.53 23.04
CA GLN A 109 26.86 28.43 22.78
C GLN A 109 26.29 27.06 23.16
N GLY A 110 27.03 26.00 22.84
CA GLY A 110 26.56 24.66 23.16
C GLY A 110 26.34 24.44 24.65
N THR A 111 27.38 24.74 25.46
CA THR A 111 27.29 24.49 26.90
C THR A 111 26.22 25.37 27.53
N LYS A 112 26.04 26.57 27.00
CA LYS A 112 25.00 27.44 27.49
C LYS A 112 23.62 26.84 27.24
N PHE A 113 23.39 26.36 26.00
CA PHE A 113 22.14 25.69 25.69
C PHE A 113 21.90 24.54 26.65
N LEU A 114 22.94 23.72 26.87
CA LEU A 114 22.81 22.60 27.79
C LEU A 114 22.56 23.06 29.22
N ARG A 115 23.07 24.24 29.59
CA ARG A 115 22.85 24.70 30.95
C ARG A 115 21.41 25.15 31.17
N GLU A 116 20.74 25.62 30.12
CA GLU A 116 19.35 26.04 30.25
C GLU A 116 18.35 24.91 30.04
N ASN A 117 18.77 23.78 29.46
CA ASN A 117 17.80 22.79 29.04
C ASN A 117 18.02 21.40 29.63
N MET A 118 19.20 21.11 30.18
CA MET A 118 19.41 19.82 30.82
C MET A 118 18.37 19.54 31.90
N ILE A 119 18.02 20.55 32.70
CA ILE A 119 17.01 20.36 33.74
C ILE A 119 15.62 20.09 33.18
N LYS A 120 15.41 20.25 31.87
CA LYS A 120 14.10 20.01 31.29
C LYS A 120 13.88 18.57 30.85
N LEU A 121 14.95 17.76 30.84
CA LEU A 121 14.81 16.37 30.38
C LEU A 121 13.94 15.59 31.37
N LYS A 122 13.04 14.79 30.82
CA LYS A 122 12.08 14.05 31.64
C LYS A 122 11.70 12.77 30.91
N GLN A 123 10.94 11.91 31.61
CA GLN A 123 10.42 10.70 31.02
C GLN A 123 9.17 11.02 30.20
N ASP A 124 8.92 10.21 29.17
CA ASP A 124 7.72 10.34 28.34
C ASP A 124 7.57 11.75 27.77
N ASP A 125 8.64 12.23 27.16
CA ASP A 125 8.68 13.56 26.56
C ASP A 125 9.05 13.47 25.07
N GLY A 126 8.78 12.32 24.46
CA GLY A 126 9.13 12.08 23.07
C GLY A 126 9.51 10.63 22.87
N ASP A 127 9.85 10.24 21.65
CA ASP A 127 10.24 8.86 21.36
C ASP A 127 11.63 8.56 21.89
N LEU A 128 11.76 7.42 22.58
CA LEU A 128 13.09 6.90 22.88
C LEU A 128 13.91 6.76 21.60
N LEU A 129 14.96 7.56 21.45
CA LEU A 129 15.90 7.32 20.35
C LEU A 129 16.61 5.97 20.57
N SER A 130 17.03 5.38 19.46
CA SER A 130 17.57 4.04 19.47
C SER A 130 18.87 4.01 20.26
N GLY A 131 18.93 3.14 21.26
CA GLY A 131 20.10 3.07 22.11
C GLY A 131 20.23 4.19 23.10
N PHE A 132 19.26 5.11 23.16
CA PHE A 132 19.36 6.27 24.04
C PHE A 132 19.79 5.87 25.45
N GLU A 133 19.32 4.72 25.93
CA GLU A 133 19.59 4.33 27.31
C GLU A 133 21.10 4.17 27.56
N VAL A 134 21.88 3.78 26.54
CA VAL A 134 23.33 3.72 26.69
C VAL A 134 24.04 4.94 26.09
N THR A 135 23.51 5.49 25.00
CA THR A 135 24.24 6.52 24.27
C THR A 135 24.30 7.82 25.05
N PHE A 136 23.19 8.20 25.70
CA PHE A 136 23.20 9.46 26.45
C PHE A 136 24.05 9.39 27.71
N PRO A 137 23.91 8.40 28.60
CA PRO A 137 24.82 8.36 29.76
C PRO A 137 26.29 8.35 29.36
N MET A 138 26.65 7.57 28.33
CA MET A 138 28.03 7.52 27.87
C MET A 138 28.50 8.90 27.44
N MET A 139 27.73 9.56 26.58
CA MET A 139 28.11 10.87 26.07
C MET A 139 28.21 11.89 27.21
N LEU A 140 27.28 11.82 28.16
CA LEU A 140 27.35 12.71 29.30
C LEU A 140 28.64 12.51 30.08
N HIS A 141 29.02 11.24 30.30
CA HIS A 141 30.24 10.95 31.06
C HIS A 141 31.48 11.42 30.31
N GLU A 142 31.46 11.34 28.97
CA GLU A 142 32.62 11.79 28.21
C GLU A 142 32.76 13.31 28.31
N ALA A 143 31.62 14.02 28.33
CA ALA A 143 31.63 15.46 28.49
C ALA A 143 32.21 15.87 29.84
N LYS A 144 31.91 15.10 30.88
CA LYS A 144 32.46 15.44 32.18
C LYS A 144 33.97 15.23 32.20
N GLN A 145 34.45 14.11 31.62
CA GLN A 145 35.89 13.89 31.55
C GLN A 145 36.61 15.04 30.85
N LEU A 146 35.92 15.72 29.94
CA LEU A 146 36.50 16.89 29.27
C LEU A 146 36.30 18.17 30.06
N GLY A 147 35.64 18.11 31.21
CA GLY A 147 35.40 19.33 31.98
C GLY A 147 34.56 20.40 31.30
N LEU A 148 33.56 20.00 30.54
CA LEU A 148 32.66 20.97 29.94
C LEU A 148 31.75 21.56 31.01
N ASP A 149 31.37 22.83 30.81
CA ASP A 149 30.64 23.56 31.84
C ASP A 149 29.12 23.36 31.68
N ILE A 150 28.67 22.14 31.97
CA ILE A 150 27.27 21.79 31.80
C ILE A 150 26.77 21.05 33.03
N PRO A 151 25.44 21.02 33.23
CA PRO A 151 24.90 20.18 34.31
C PRO A 151 25.32 18.74 34.12
N TYR A 152 25.60 18.07 35.22
CA TYR A 152 26.02 16.68 35.12
C TYR A 152 25.15 15.72 35.92
N GLU A 153 24.09 16.20 36.55
CA GLU A 153 23.21 15.32 37.29
C GLU A 153 21.86 16.00 37.46
N THR A 154 20.80 15.29 37.11
CA THR A 154 19.44 15.68 37.42
C THR A 154 18.73 14.43 37.92
N GLU A 155 17.54 14.61 38.48
CA GLU A 155 16.74 13.46 38.84
C GLU A 155 16.61 12.54 37.63
N PHE A 156 16.47 13.13 36.45
CA PHE A 156 16.32 12.34 35.23
C PHE A 156 17.61 11.59 34.88
N THR A 157 18.74 12.27 34.90
CA THR A 157 19.94 11.60 34.41
C THR A 157 20.42 10.52 35.39
N ARG A 158 20.24 10.72 36.69
CA ARG A 158 20.72 9.71 37.62
C ARG A 158 19.77 8.51 37.65
N LEU A 159 18.46 8.77 37.56
CA LEU A 159 17.52 7.67 37.38
C LEU A 159 17.83 6.89 36.11
N LEU A 160 18.17 7.60 35.02
CA LEU A 160 18.48 6.91 33.78
C LEU A 160 19.72 6.06 33.92
N GLU A 161 20.78 6.62 34.51
CA GLU A 161 22.02 5.87 34.65
C GLU A 161 21.84 4.68 35.58
N ILE A 162 21.10 4.85 36.70
CA ILE A 162 20.80 3.72 37.58
C ILE A 162 20.14 2.60 36.79
N SER A 163 19.04 2.92 36.10
CA SER A 163 18.31 1.93 35.31
C SER A 163 19.22 1.25 34.30
N THR A 164 19.91 2.04 33.48
CA THR A 164 20.75 1.46 32.44
C THR A 164 21.81 0.53 33.04
N LYS A 165 22.42 0.93 34.15
CA LYS A 165 23.45 0.10 34.79
C LYS A 165 22.88 -1.25 35.23
N LYS A 166 21.64 -1.25 35.66
CA LYS A 166 21.00 -2.51 36.04
C LYS A 166 20.70 -3.38 34.83
N LYS A 167 20.26 -2.77 33.72
CA LYS A 167 20.00 -3.54 32.51
C LYS A 167 21.29 -4.09 31.91
N LEU A 168 22.35 -3.26 31.87
CA LEU A 168 23.63 -3.72 31.34
C LEU A 168 24.25 -4.83 32.18
N ALA A 169 24.11 -4.74 33.51
CA ALA A 169 24.68 -5.77 34.39
C ALA A 169 23.99 -7.12 34.23
N LYS A 170 22.79 -7.16 33.67
CA LYS A 170 22.09 -8.40 33.40
C LYS A 170 22.38 -8.96 32.01
N ILE A 171 23.03 -8.20 31.13
CA ILE A 171 23.35 -8.76 29.83
C ILE A 171 24.61 -9.62 29.93
N PRO A 172 24.53 -10.92 29.59
CA PRO A 172 25.75 -11.72 29.50
C PRO A 172 26.53 -11.30 28.27
N LEU A 173 27.74 -10.81 28.50
CA LEU A 173 28.43 -10.06 27.45
C LEU A 173 28.77 -10.93 26.26
N ASP A 174 28.96 -12.24 26.45
CA ASP A 174 29.38 -13.03 25.32
C ASP A 174 28.26 -13.27 24.31
N LYS A 175 27.00 -13.04 24.69
CA LYS A 175 25.94 -13.10 23.68
C LYS A 175 26.03 -11.93 22.71
N ILE A 176 26.69 -10.85 23.13
CA ILE A 176 26.90 -9.69 22.26
C ILE A 176 27.92 -9.98 21.17
N HIS A 177 28.94 -10.80 21.47
CA HIS A 177 29.93 -11.19 20.48
C HIS A 177 29.55 -12.45 19.71
N SER A 178 28.49 -13.13 20.10
CA SER A 178 28.18 -14.44 19.55
C SER A 178 27.28 -14.37 18.33
N ALA A 179 26.21 -13.59 18.39
CA ALA A 179 25.28 -13.46 17.28
C ALA A 179 24.86 -12.00 17.16
N PRO A 180 24.32 -11.61 16.00
CA PRO A 180 23.88 -10.22 15.82
C PRO A 180 22.78 -9.83 16.81
N THR A 181 22.97 -8.66 17.45
CA THR A 181 22.00 -8.05 18.37
C THR A 181 21.91 -6.55 18.05
N THR A 182 20.80 -5.94 18.48
CA THR A 182 20.61 -4.52 18.22
C THR A 182 21.64 -3.65 18.91
N LEU A 183 22.37 -4.19 19.90
CA LEU A 183 23.43 -3.43 20.56
C LEU A 183 24.58 -3.11 19.62
N LEU A 184 24.72 -3.87 18.52
CA LEU A 184 25.74 -3.53 17.53
C LEU A 184 25.54 -2.12 16.97
N TYR A 185 24.29 -1.63 16.97
CA TYR A 185 23.97 -0.28 16.51
C TYR A 185 24.51 0.81 17.42
N SER A 186 24.79 0.50 18.69
CA SER A 186 25.10 1.53 19.68
C SER A 186 26.33 1.17 20.49
N LEU A 187 27.31 0.53 19.85
CA LEU A 187 28.51 0.08 20.56
C LEU A 187 29.23 1.22 21.27
N GLU A 188 29.14 2.45 20.74
CA GLU A 188 29.77 3.57 21.42
C GLU A 188 29.19 3.74 22.82
N GLY A 189 27.92 3.36 23.01
CA GLY A 189 27.37 3.38 24.36
C GLY A 189 27.95 2.33 25.30
N LEU A 190 28.79 1.42 24.80
CA LEU A 190 29.33 0.31 25.59
C LEU A 190 30.84 0.39 25.80
N GLN A 191 31.49 1.51 25.41
CA GLN A 191 32.96 1.56 25.39
C GLN A 191 33.60 1.12 26.70
N ASP A 192 33.00 1.50 27.82
CA ASP A 192 33.61 1.19 29.09
C ASP A 192 33.27 -0.21 29.59
N LEU A 193 32.55 -0.99 28.79
CA LEU A 193 32.17 -2.34 29.21
C LEU A 193 33.27 -3.35 28.85
N GLU A 194 33.12 -4.55 29.43
CA GLU A 194 34.02 -5.68 29.26
C GLU A 194 33.82 -6.35 27.90
N ILE A 195 34.10 -5.64 26.80
CA ILE A 195 33.81 -6.14 25.46
C ILE A 195 35.10 -6.65 24.86
N ASP A 196 35.06 -7.89 24.35
CA ASP A 196 36.15 -8.41 23.52
C ASP A 196 35.97 -7.77 22.15
N TRP A 197 36.51 -6.55 22.02
CA TRP A 197 36.35 -5.81 20.78
C TRP A 197 36.87 -6.59 19.59
N GLN A 198 37.92 -7.40 19.78
CA GLN A 198 38.43 -8.20 18.68
C GLN A 198 37.38 -9.18 18.16
N LYS A 199 36.68 -9.86 19.08
CA LYS A 199 35.63 -10.78 18.66
C LYS A 199 34.44 -10.03 18.01
N ILE A 200 34.14 -8.82 18.48
CA ILE A 200 33.05 -8.05 17.92
C ILE A 200 33.27 -7.82 16.43
N LEU A 201 34.54 -7.77 16.01
CA LEU A 201 34.88 -7.52 14.61
C LEU A 201 34.28 -8.57 13.67
N LYS A 202 34.05 -9.79 14.15
CA LYS A 202 33.43 -10.80 13.30
C LYS A 202 31.96 -10.54 13.03
N LEU A 203 31.34 -9.56 13.69
CA LEU A 203 29.94 -9.27 13.45
C LEU A 203 29.74 -8.02 12.59
N GLN A 204 30.78 -7.60 11.86
CA GLN A 204 30.69 -6.45 10.99
C GLN A 204 29.94 -6.80 9.72
N SER A 205 29.39 -5.78 9.07
CA SER A 205 28.73 -5.98 7.80
C SER A 205 29.77 -6.11 6.70
N LYS A 206 29.31 -6.45 5.49
CA LYS A 206 30.23 -6.68 4.38
C LYS A 206 30.96 -5.42 3.95
N ASP A 207 30.54 -4.24 4.45
CA ASP A 207 31.25 -3.00 4.18
C ASP A 207 32.05 -2.54 5.39
N GLY A 208 32.13 -3.38 6.42
CA GLY A 208 32.89 -3.08 7.62
C GLY A 208 32.15 -2.30 8.68
N SER A 209 30.85 -2.07 8.50
CA SER A 209 30.11 -1.25 9.46
C SER A 209 29.44 -2.13 10.50
N PHE A 210 28.94 -1.49 11.55
CA PHE A 210 28.24 -2.22 12.61
C PHE A 210 26.79 -1.76 12.62
N LEU A 211 25.91 -2.63 12.10
CA LEU A 211 24.51 -2.33 11.83
C LEU A 211 24.37 -0.99 11.11
N SER A 212 25.34 -0.70 10.25
CA SER A 212 25.32 0.48 9.37
C SER A 212 25.38 1.81 10.13
N SER A 213 25.69 1.76 11.43
CA SER A 213 25.83 2.96 12.23
C SER A 213 27.23 3.55 12.07
N PRO A 214 27.37 4.77 11.52
CA PRO A 214 28.71 5.39 11.50
C PRO A 214 29.33 5.51 12.90
N SER A 215 28.58 6.05 13.87
CA SER A 215 29.15 6.28 15.19
C SER A 215 29.54 4.97 15.86
N SER A 216 28.73 3.92 15.71
CA SER A 216 29.07 2.65 16.33
C SER A 216 30.29 2.04 15.65
N THR A 217 30.30 2.08 14.30
CA THR A 217 31.46 1.71 13.52
C THR A 217 32.70 2.50 13.95
N ALA A 218 32.52 3.81 14.24
CA ALA A 218 33.66 4.65 14.58
C ALA A 218 34.29 4.18 15.89
N CYS A 219 33.44 3.82 16.86
CA CYS A 219 33.90 3.30 18.14
C CYS A 219 34.72 2.02 17.97
N VAL A 220 34.22 1.09 17.17
CA VAL A 220 34.96 -0.15 16.90
C VAL A 220 36.32 0.15 16.27
N TYR A 221 36.36 1.09 15.33
CA TYR A 221 37.63 1.43 14.70
C TYR A 221 38.63 1.97 15.71
N LEU A 222 38.19 2.84 16.63
CA LEU A 222 39.12 3.32 17.65
C LEU A 222 39.47 2.26 18.66
N LYS A 223 38.64 1.23 18.82
CA LYS A 223 39.03 0.15 19.72
C LYS A 223 39.91 -0.90 19.06
N THR A 224 39.86 -1.01 17.72
CA THR A 224 40.52 -2.12 17.03
C THR A 224 41.41 -1.71 15.87
N LYS A 225 41.23 -0.53 15.29
CA LYS A 225 41.92 -0.07 14.08
C LYS A 225 41.69 -0.99 12.89
N GLY A 226 40.59 -1.75 12.90
CA GLY A 226 40.23 -2.55 11.75
C GLY A 226 40.10 -1.73 10.50
N ARG A 227 40.71 -2.23 9.41
CA ARG A 227 40.85 -1.45 8.19
C ARG A 227 39.51 -1.21 7.50
N LYS A 228 38.69 -2.26 7.39
CA LYS A 228 37.42 -2.14 6.68
C LYS A 228 36.49 -1.12 7.32
N SER A 229 36.59 -0.92 8.63
CA SER A 229 35.68 -0.01 9.30
C SER A 229 36.09 1.44 9.06
N LEU A 230 37.39 1.72 9.05
CA LEU A 230 37.84 3.05 8.64
C LEU A 230 37.40 3.36 7.22
N GLN A 231 37.59 2.39 6.32
CA GLN A 231 37.25 2.60 4.91
C GLN A 231 35.76 2.87 4.75
N TYR A 232 34.90 2.11 5.46
CA TYR A 232 33.46 2.39 5.45
C TYR A 232 33.19 3.84 5.83
N LEU A 233 33.86 4.31 6.88
CA LEU A 233 33.66 5.70 7.32
C LEU A 233 34.23 6.69 6.31
N GLN A 234 35.46 6.45 5.83
CA GLN A 234 36.03 7.35 4.83
C GLN A 234 35.11 7.48 3.62
N ASN A 235 34.56 6.37 3.15
CA ASN A 235 33.73 6.43 1.97
C ASN A 235 32.37 7.06 2.27
N ALA A 236 31.74 6.68 3.40
CA ALA A 236 30.50 7.33 3.82
C ALA A 236 30.70 8.84 3.97
N MET A 237 31.83 9.24 4.54
CA MET A 237 32.10 10.67 4.68
C MET A 237 32.22 11.35 3.32
N GLU A 238 32.91 10.72 2.36
CA GLU A 238 33.07 11.39 1.07
C GLU A 238 31.78 11.36 0.27
N ASP A 239 31.07 10.25 0.31
CA ASP A 239 29.80 10.13 -0.39
C ASP A 239 28.77 11.12 0.15
N GLN A 240 28.73 11.33 1.46
CA GLN A 240 27.73 12.20 2.07
C GLN A 240 28.23 13.63 2.28
N ASN A 241 29.35 14.02 1.68
CA ASN A 241 29.89 15.39 1.79
C ASN A 241 30.27 15.77 3.21
N TYR A 242 30.72 14.80 4.01
CA TYR A 242 31.35 15.01 5.31
C TYR A 242 30.37 15.30 6.44
N ALA A 243 29.10 14.98 6.25
CA ALA A 243 28.11 15.03 7.32
C ALA A 243 27.22 13.81 7.15
N VAL A 244 27.48 12.76 7.94
CA VAL A 244 26.90 11.43 7.70
C VAL A 244 25.60 11.23 8.47
N PRO A 245 24.71 10.35 8.01
CA PRO A 245 23.44 10.15 8.70
C PRO A 245 23.63 9.16 9.84
N CYS A 246 22.57 8.74 10.51
CA CYS A 246 22.78 7.78 11.58
C CYS A 246 22.77 6.33 11.12
N HIS A 247 22.39 6.05 9.86
CA HIS A 247 22.60 4.73 9.28
C HIS A 247 22.85 4.90 7.81
N TYR A 248 23.76 4.06 7.27
CA TYR A 248 24.23 4.23 5.90
C TYR A 248 24.88 2.97 5.37
N PRO A 249 24.56 2.55 4.15
CA PRO A 249 23.54 3.14 3.29
C PRO A 249 22.18 2.47 3.50
N ILE A 250 21.09 3.11 3.07
CA ILE A 250 19.77 2.50 3.20
C ILE A 250 19.13 2.50 1.81
N ASP A 251 19.94 2.14 0.81
CA ASP A 251 19.51 2.20 -0.59
C ASP A 251 18.33 1.27 -0.87
N LEU A 252 18.22 0.14 -0.18
CA LEU A 252 17.05 -0.72 -0.38
C LEU A 252 15.84 -0.14 0.31
N PHE A 253 15.99 0.24 1.58
CA PHE A 253 14.85 0.80 2.32
C PHE A 253 14.32 2.07 1.65
N GLU A 254 15.22 2.99 1.32
CA GLU A 254 14.81 4.29 0.82
C GLU A 254 14.10 4.16 -0.54
N SER A 255 14.65 3.34 -1.45
CA SER A 255 14.03 3.25 -2.78
C SER A 255 12.65 2.58 -2.73
N LEU A 256 12.49 1.53 -1.93
CA LEU A 256 11.19 0.85 -1.83
C LEU A 256 10.14 1.72 -1.15
N TRP A 257 10.53 2.45 -0.10
CA TRP A 257 9.57 3.35 0.53
C TRP A 257 9.18 4.50 -0.40
N VAL A 258 10.10 4.98 -1.23
CA VAL A 258 9.74 6.06 -2.13
C VAL A 258 8.74 5.59 -3.18
N VAL A 259 8.96 4.40 -3.75
CA VAL A 259 8.02 3.86 -4.73
C VAL A 259 6.68 3.59 -4.07
N ASP A 260 6.73 2.94 -2.90
CA ASP A 260 5.50 2.65 -2.16
C ASP A 260 4.72 3.93 -1.90
N THR A 261 5.40 5.00 -1.51
CA THR A 261 4.71 6.26 -1.29
C THR A 261 4.07 6.73 -2.59
N ILE A 262 4.80 6.56 -3.70
CA ILE A 262 4.33 7.06 -4.99
C ILE A 262 3.10 6.27 -5.43
N GLU A 263 3.07 4.95 -5.14
CA GLU A 263 1.95 4.11 -5.52
C GLU A 263 0.75 4.30 -4.59
N ARG A 264 0.99 4.46 -3.30
CA ARG A 264 -0.14 4.67 -2.38
C ARG A 264 -0.82 6.01 -2.61
N LEU A 265 -0.06 7.02 -3.06
CA LEU A 265 -0.68 8.30 -3.40
C LEU A 265 -1.35 8.25 -4.76
N GLY A 266 -1.10 7.19 -5.54
CA GLY A 266 -1.69 7.08 -6.84
C GLY A 266 -1.07 7.98 -7.90
N ILE A 267 0.18 8.43 -7.72
CA ILE A 267 0.82 9.24 -8.75
C ILE A 267 1.79 8.44 -9.59
N ASP A 268 1.87 7.12 -9.39
CA ASP A 268 2.73 6.29 -10.23
C ASP A 268 2.36 6.37 -11.71
N VAL A 269 1.16 6.87 -12.05
CA VAL A 269 0.80 7.05 -13.46
C VAL A 269 1.82 7.90 -14.21
N PHE A 270 2.54 8.78 -13.51
CA PHE A 270 3.53 9.65 -14.15
C PHE A 270 4.92 9.02 -14.29
N PHE A 271 5.17 7.87 -13.66
CA PHE A 271 6.53 7.47 -13.35
C PHE A 271 6.80 5.98 -13.67
N ARG A 272 6.06 5.40 -14.62
CA ARG A 272 6.14 3.94 -14.84
C ARG A 272 7.55 3.45 -15.19
N ASP A 273 8.22 4.08 -16.16
CA ASP A 273 9.56 3.62 -16.53
C ASP A 273 10.53 3.76 -15.37
N GLU A 274 10.51 4.91 -14.71
CA GLU A 274 11.45 5.16 -13.63
C GLU A 274 11.25 4.16 -12.49
N ILE A 275 10.00 3.93 -12.12
CA ILE A 275 9.67 2.93 -11.11
C ILE A 275 10.27 1.59 -11.48
N LYS A 276 10.16 1.19 -12.76
CA LYS A 276 10.71 -0.10 -13.16
C LYS A 276 12.23 -0.13 -12.98
N ALA A 277 12.89 0.99 -13.29
CA ALA A 277 14.33 1.06 -13.09
C ALA A 277 14.68 0.85 -11.62
N VAL A 278 13.95 1.49 -10.71
CA VAL A 278 14.23 1.30 -9.29
C VAL A 278 13.97 -0.15 -8.88
N LEU A 279 12.89 -0.75 -9.38
CA LEU A 279 12.60 -2.13 -9.00
C LEU A 279 13.62 -3.11 -9.59
N ASP A 280 14.19 -2.80 -10.74
CA ASP A 280 15.31 -3.62 -11.21
C ASP A 280 16.51 -3.50 -10.28
N TYR A 281 16.78 -2.30 -9.77
CA TYR A 281 17.89 -2.13 -8.85
C TYR A 281 17.67 -2.97 -7.60
N VAL A 282 16.45 -2.87 -7.03
CA VAL A 282 16.09 -3.65 -5.86
C VAL A 282 16.17 -5.15 -6.18
N TYR A 283 15.70 -5.53 -7.35
CA TYR A 283 15.64 -6.95 -7.64
C TYR A 283 17.03 -7.54 -7.74
N SER A 284 18.00 -6.73 -8.16
CA SER A 284 19.37 -7.23 -8.22
C SER A 284 19.93 -7.54 -6.84
N PHE A 285 19.21 -7.20 -5.77
CA PHE A 285 19.61 -7.57 -4.41
C PHE A 285 18.63 -8.53 -3.75
N TRP A 286 17.53 -8.89 -4.41
CA TRP A 286 16.58 -9.83 -3.83
C TRP A 286 17.19 -11.23 -3.75
N THR A 287 16.97 -11.90 -2.62
CA THR A 287 17.38 -13.29 -2.39
C THR A 287 16.18 -14.08 -1.89
N ASN A 288 16.35 -15.40 -1.89
CA ASN A 288 15.37 -16.31 -1.31
C ASN A 288 15.26 -16.18 0.20
N GLU A 289 16.10 -15.34 0.82
CA GLU A 289 15.94 -14.97 2.22
C GLU A 289 15.62 -13.49 2.39
N GLY A 290 14.97 -12.91 1.39
CA GLY A 290 14.56 -11.52 1.49
C GLY A 290 15.75 -10.60 1.51
N ILE A 291 15.59 -9.45 2.19
CA ILE A 291 16.54 -8.34 2.16
C ILE A 291 16.48 -7.60 3.48
N GLY A 292 17.52 -6.79 3.74
CA GLY A 292 17.50 -5.79 4.76
C GLY A 292 17.37 -4.38 4.18
N TRP A 293 17.79 -3.39 4.96
CA TRP A 293 17.52 -2.01 4.60
C TRP A 293 18.46 -1.52 3.51
N GLY A 294 19.61 -2.18 3.36
CA GLY A 294 20.61 -1.71 2.44
C GLY A 294 21.33 -2.87 1.81
N SER A 295 22.12 -2.56 0.77
CA SER A 295 22.85 -3.56 -0.01
C SER A 295 24.07 -4.13 0.72
N THR A 296 24.47 -3.57 1.85
CA THR A 296 25.60 -4.09 2.60
C THR A 296 25.23 -4.46 4.03
N CYS A 297 23.95 -4.64 4.32
CA CYS A 297 23.59 -4.76 5.72
C CYS A 297 23.76 -6.19 6.21
N LEU A 298 23.80 -6.33 7.54
CA LEU A 298 24.21 -7.58 8.18
C LEU A 298 23.11 -8.64 8.14
N VAL A 299 21.86 -8.25 8.37
CA VAL A 299 20.75 -9.20 8.43
C VAL A 299 19.63 -8.75 7.51
N ASN A 300 18.79 -9.70 7.13
CA ASN A 300 17.50 -9.35 6.54
C ASN A 300 16.50 -8.97 7.64
N ASP A 301 15.45 -8.26 7.23
CA ASP A 301 14.39 -7.94 8.15
C ASP A 301 13.05 -8.07 7.45
N ILE A 302 12.00 -8.20 8.26
CA ILE A 302 10.70 -8.54 7.70
C ILE A 302 10.03 -7.33 7.06
N ASP A 303 10.33 -6.12 7.53
CA ASP A 303 9.74 -4.93 6.94
C ASP A 303 10.22 -4.76 5.49
N ASP A 304 11.53 -4.67 5.30
CA ASP A 304 12.08 -4.58 3.95
C ASP A 304 11.67 -5.78 3.10
N THR A 305 11.70 -6.98 3.69
CA THR A 305 11.39 -8.18 2.91
C THR A 305 9.91 -8.17 2.48
N ALA A 306 9.00 -7.82 3.40
CA ALA A 306 7.59 -7.74 3.03
C ALA A 306 7.37 -6.64 2.00
N MET A 307 8.02 -5.48 2.21
CA MET A 307 7.87 -4.38 1.26
C MET A 307 8.32 -4.81 -0.13
N ALA A 308 9.51 -5.39 -0.23
CA ALA A 308 10.05 -5.74 -1.53
C ALA A 308 9.28 -6.88 -2.15
N PHE A 309 8.95 -7.92 -1.36
CA PHE A 309 8.18 -9.03 -1.90
C PHE A 309 6.89 -8.53 -2.55
N ARG A 310 6.15 -7.65 -1.85
CA ARG A 310 4.83 -7.25 -2.32
C ARG A 310 4.94 -6.43 -3.60
N ILE A 311 5.84 -5.45 -3.63
CA ILE A 311 5.92 -4.53 -4.77
C ILE A 311 6.50 -5.24 -5.99
N LEU A 312 7.61 -5.97 -5.80
CA LEU A 312 8.17 -6.77 -6.89
C LEU A 312 7.15 -7.74 -7.47
N ARG A 313 6.49 -8.53 -6.61
CA ARG A 313 5.52 -9.49 -7.13
C ARG A 313 4.42 -8.77 -7.90
N MET A 314 3.87 -7.70 -7.33
CA MET A 314 2.83 -6.97 -8.02
C MET A 314 3.30 -6.46 -9.38
N HIS A 315 4.61 -6.28 -9.58
CA HIS A 315 5.11 -5.83 -10.87
C HIS A 315 5.57 -6.99 -11.75
N GLY A 316 5.18 -8.22 -11.41
CA GLY A 316 5.49 -9.35 -12.25
C GLY A 316 6.84 -10.01 -12.00
N TYR A 317 7.62 -9.56 -11.01
CA TYR A 317 8.86 -10.25 -10.68
C TYR A 317 8.57 -11.58 -9.95
N ASN A 318 9.48 -12.54 -10.15
CA ASN A 318 9.40 -13.87 -9.51
C ASN A 318 10.15 -13.84 -8.17
N VAL A 319 9.39 -13.79 -7.06
CA VAL A 319 9.93 -13.76 -5.71
C VAL A 319 9.22 -14.86 -4.93
N SER A 320 9.94 -15.47 -4.00
CA SER A 320 9.47 -16.65 -3.27
C SER A 320 9.05 -16.29 -1.86
N THR A 321 7.97 -16.94 -1.38
CA THR A 321 7.61 -16.78 0.01
C THR A 321 8.56 -17.50 0.97
N ASP A 322 9.52 -18.26 0.45
CA ASP A 322 10.56 -18.82 1.32
C ASP A 322 11.33 -17.72 2.05
N ALA A 323 11.34 -16.50 1.52
CA ALA A 323 11.96 -15.38 2.21
C ALA A 323 11.41 -15.14 3.61
N PHE A 324 10.20 -15.61 3.91
CA PHE A 324 9.58 -15.36 5.21
C PHE A 324 9.84 -16.45 6.24
N ASN A 325 10.35 -17.63 5.84
CA ASN A 325 10.59 -18.73 6.79
C ASN A 325 11.52 -18.33 7.93
N GLN A 326 12.57 -17.55 7.63
CA GLN A 326 13.57 -17.20 8.64
C GLN A 326 12.99 -16.44 9.82
N PHE A 327 11.80 -15.87 9.66
CA PHE A 327 11.18 -15.04 10.70
C PHE A 327 10.09 -15.78 11.46
N TRP A 328 9.80 -17.02 11.10
CA TRP A 328 8.80 -17.79 11.82
C TRP A 328 9.27 -18.10 13.24
N LEU A 329 8.32 -18.06 14.17
CA LEU A 329 8.49 -18.41 15.57
C LEU A 329 7.41 -19.42 15.95
N PRO A 330 7.66 -20.30 16.91
CA PRO A 330 6.63 -21.25 17.33
C PRO A 330 5.38 -20.51 17.78
N GLY A 331 4.22 -21.08 17.44
CA GLY A 331 2.95 -20.41 17.59
C GLY A 331 2.45 -19.74 16.34
N ASP A 332 3.17 -19.87 15.23
CA ASP A 332 2.87 -19.17 14.00
C ASP A 332 2.88 -17.65 14.21
N LYS A 333 3.94 -17.19 14.88
CA LYS A 333 4.22 -15.79 15.13
C LYS A 333 5.45 -15.39 14.30
N PHE A 334 5.73 -14.09 14.25
CA PHE A 334 6.83 -13.61 13.43
C PHE A 334 7.61 -12.53 14.16
N CYS A 335 8.89 -12.45 13.83
CA CYS A 335 9.79 -11.41 14.29
C CYS A 335 10.15 -10.50 13.11
N CYS A 336 10.79 -9.38 13.41
CA CYS A 336 11.32 -8.50 12.37
C CYS A 336 12.77 -8.82 12.04
N PHE A 337 13.61 -9.05 13.05
CA PHE A 337 14.91 -9.69 12.89
C PHE A 337 14.94 -10.91 13.78
N VAL A 338 15.69 -11.93 13.35
CA VAL A 338 15.81 -13.12 14.17
C VAL A 338 16.46 -12.74 15.49
N GLY A 339 15.90 -13.26 16.59
CA GLY A 339 16.45 -13.00 17.89
C GLY A 339 16.01 -11.72 18.53
N GLU A 340 15.17 -10.93 17.85
CA GLU A 340 14.61 -9.73 18.44
C GLU A 340 13.81 -10.07 19.70
N LEU A 341 13.59 -9.05 20.52
CA LEU A 341 12.76 -9.24 21.71
C LEU A 341 11.36 -8.66 21.55
N SER A 342 11.16 -7.79 20.57
CA SER A 342 9.87 -7.19 20.24
C SER A 342 9.97 -6.63 18.82
N HIS A 343 8.84 -6.18 18.28
CA HIS A 343 8.85 -5.37 17.07
C HIS A 343 7.70 -4.36 17.10
N GLY A 344 7.62 -3.56 16.03
CA GLY A 344 6.64 -2.48 15.93
C GLY A 344 5.58 -2.60 14.85
N VAL A 345 4.83 -1.51 14.65
CA VAL A 345 3.63 -1.56 13.82
C VAL A 345 3.92 -1.41 12.33
N SER A 346 4.93 -0.62 11.95
CA SER A 346 5.19 -0.43 10.52
C SER A 346 5.42 -1.77 9.83
N GLU A 347 6.18 -2.68 10.48
CA GLU A 347 6.48 -3.95 9.84
C GLU A 347 5.27 -4.87 9.79
N MET A 348 4.39 -4.82 10.80
CA MET A 348 3.18 -5.64 10.73
C MET A 348 2.20 -5.09 9.69
N LEU A 349 2.11 -3.76 9.59
CA LEU A 349 1.34 -3.15 8.51
C LEU A 349 1.80 -3.67 7.15
N ASN A 350 3.10 -3.61 6.91
CA ASN A 350 3.62 -4.03 5.63
C ASN A 350 3.57 -5.53 5.47
N LEU A 351 3.75 -6.30 6.56
CA LEU A 351 3.55 -7.73 6.50
C LEU A 351 2.11 -8.04 6.12
N HIS A 352 1.19 -7.34 6.75
CA HIS A 352 -0.23 -7.56 6.51
C HIS A 352 -0.57 -7.28 5.05
N ARG A 353 0.02 -6.22 4.48
CA ARG A 353 -0.25 -5.89 3.09
C ARG A 353 0.32 -6.97 2.18
N ALA A 354 1.56 -7.38 2.43
CA ALA A 354 2.24 -8.35 1.58
C ALA A 354 1.54 -9.71 1.56
N SER A 355 0.91 -10.10 2.65
CA SER A 355 0.36 -11.45 2.74
C SER A 355 -0.84 -11.64 1.82
N GLN A 356 -1.42 -10.56 1.30
CA GLN A 356 -2.63 -10.66 0.51
C GLN A 356 -2.35 -10.79 -0.98
N VAL A 357 -1.08 -10.76 -1.40
CA VAL A 357 -0.77 -11.04 -2.79
C VAL A 357 -0.25 -12.47 -2.87
N ASP A 358 -0.88 -13.37 -2.12
CA ASP A 358 -0.46 -14.76 -2.08
C ASP A 358 -0.94 -15.52 -3.31
N PHE A 359 -0.12 -16.45 -3.76
CA PHE A 359 -0.39 -17.44 -4.78
C PHE A 359 -0.83 -18.75 -4.13
N PRO A 360 -1.36 -19.70 -4.90
CA PRO A 360 -1.75 -20.99 -4.31
C PRO A 360 -0.57 -21.69 -3.66
N ASN A 361 -0.88 -22.48 -2.62
CA ASN A 361 0.10 -23.30 -1.88
C ASN A 361 1.27 -22.48 -1.36
N GLU A 362 0.95 -21.37 -0.69
CA GLU A 362 1.93 -20.50 -0.07
C GLU A 362 1.42 -20.24 1.36
N ALA A 363 1.34 -21.32 2.14
CA ALA A 363 0.65 -21.28 3.44
C ALA A 363 1.32 -20.32 4.42
N ILE A 364 2.64 -20.14 4.33
CA ILE A 364 3.35 -19.20 5.20
C ILE A 364 2.69 -17.81 5.20
N LEU A 365 2.16 -17.36 4.06
CA LEU A 365 1.48 -16.06 3.98
C LEU A 365 0.09 -16.07 4.63
N THR A 366 -0.53 -17.25 4.79
CA THR A 366 -1.71 -17.33 5.65
C THR A 366 -1.32 -17.17 7.11
N LYS A 367 -0.13 -17.68 7.50
CA LYS A 367 0.32 -17.51 8.88
C LYS A 367 0.76 -16.08 9.14
N THR A 368 1.51 -15.48 8.22
CA THR A 368 1.88 -14.07 8.39
C THR A 368 0.65 -13.17 8.36
N PHE A 369 -0.38 -13.54 7.60
CA PHE A 369 -1.59 -12.73 7.59
C PHE A 369 -2.32 -12.80 8.93
N LYS A 370 -2.58 -14.02 9.42
CA LYS A 370 -3.28 -14.18 10.70
C LYS A 370 -2.53 -13.49 11.82
N TYR A 371 -1.20 -13.64 11.84
CA TYR A 371 -0.41 -13.05 12.92
C TYR A 371 -0.41 -11.54 12.86
N SER A 372 -0.07 -10.96 11.70
CA SER A 372 -0.05 -9.50 11.57
C SER A 372 -1.45 -8.91 11.78
N HIS A 373 -2.48 -9.55 11.26
CA HIS A 373 -3.83 -9.05 11.47
C HIS A 373 -4.16 -9.02 12.96
N ASP A 374 -3.83 -10.08 13.68
CA ASP A 374 -4.09 -10.16 15.11
C ASP A 374 -3.34 -9.07 15.86
N TYR A 375 -2.06 -8.89 15.55
CA TYR A 375 -1.28 -7.83 16.15
C TYR A 375 -1.94 -6.48 15.90
N LEU A 376 -2.28 -6.20 14.63
CA LEU A 376 -2.80 -4.87 14.29
C LEU A 376 -4.13 -4.59 14.99
N LEU A 377 -4.94 -5.64 15.20
CA LEU A 377 -6.18 -5.50 15.94
C LEU A 377 -5.96 -5.13 17.39
N ASN A 378 -4.75 -5.34 17.92
CA ASN A 378 -4.51 -5.18 19.34
C ASN A 378 -3.65 -3.97 19.69
N VAL A 379 -3.40 -3.06 18.75
CA VAL A 379 -2.53 -1.94 19.08
C VAL A 379 -3.25 -0.99 20.02
N ASP A 380 -2.48 -0.26 20.79
CA ASP A 380 -3.03 0.82 21.61
C ASP A 380 -3.16 2.05 20.71
N SER A 381 -4.38 2.30 20.20
CA SER A 381 -4.57 3.38 19.22
C SER A 381 -4.54 4.77 19.85
N ALA A 382 -4.99 4.90 21.10
CA ALA A 382 -4.86 6.18 21.82
C ALA A 382 -3.41 6.62 21.96
N HIS A 383 -2.47 5.68 21.87
CA HIS A 383 -1.10 5.98 22.17
C HIS A 383 -0.15 5.73 21.03
N MET A 384 -0.63 5.27 19.88
CA MET A 384 0.27 4.88 18.79
C MET A 384 0.83 6.11 18.10
N ASP A 385 2.16 6.21 18.08
CA ASP A 385 2.83 7.36 17.49
C ASP A 385 2.29 8.65 18.11
N LYS A 386 2.19 8.64 19.45
CA LYS A 386 1.53 9.75 20.12
C LYS A 386 2.28 11.06 19.92
N TRP A 387 3.57 11.02 19.58
CA TRP A 387 4.34 12.21 19.27
C TRP A 387 4.27 12.61 17.78
N ALA A 388 3.47 11.89 16.97
CA ALA A 388 3.18 12.28 15.59
C ALA A 388 4.45 12.49 14.76
N THR A 389 5.40 11.55 14.87
CA THR A 389 6.46 11.51 13.87
C THR A 389 5.87 11.35 12.48
N LYS A 390 4.76 10.60 12.36
CA LYS A 390 3.96 10.50 11.15
C LYS A 390 2.65 11.25 11.33
N LYS A 391 2.07 11.64 10.20
CA LYS A 391 0.87 12.46 10.22
C LYS A 391 -0.35 11.68 10.73
N ASN A 392 -0.48 10.41 10.36
CA ASN A 392 -1.62 9.63 10.81
C ASN A 392 -1.34 8.14 10.67
N LEU A 393 -0.34 7.65 11.42
CA LEU A 393 0.01 6.23 11.34
C LEU A 393 -1.16 5.33 11.75
N MET A 394 -1.86 5.68 12.83
CA MET A 394 -3.01 4.88 13.26
C MET A 394 -4.13 4.90 12.23
N GLY A 395 -4.22 5.98 11.43
CA GLY A 395 -5.12 6.00 10.30
C GLY A 395 -4.80 4.95 9.26
N GLU A 396 -3.51 4.80 8.93
CA GLU A 396 -3.11 3.76 7.98
C GLU A 396 -3.44 2.35 8.49
N VAL A 397 -3.22 2.11 9.79
CA VAL A 397 -3.53 0.82 10.39
C VAL A 397 -5.02 0.53 10.25
N ALA A 398 -5.84 1.50 10.67
CA ALA A 398 -7.27 1.29 10.64
C ALA A 398 -7.75 1.01 9.22
N PHE A 399 -7.21 1.74 8.26
CA PHE A 399 -7.62 1.55 6.88
C PHE A 399 -7.27 0.14 6.42
N GLU A 400 -6.02 -0.26 6.69
CA GLU A 400 -5.56 -1.58 6.29
C GLU A 400 -6.37 -2.69 6.96
N LEU A 401 -6.77 -2.51 8.21
CA LEU A 401 -7.56 -3.55 8.84
C LEU A 401 -8.92 -3.67 8.17
N ALA A 402 -9.49 -2.55 7.79
CA ALA A 402 -10.86 -2.48 7.33
C ALA A 402 -10.99 -2.75 5.84
N ASN A 403 -9.92 -2.66 5.05
CA ASN A 403 -10.01 -2.77 3.60
C ASN A 403 -9.17 -3.93 3.08
N PRO A 404 -9.74 -5.15 3.01
CA PRO A 404 -9.05 -6.25 2.31
C PRO A 404 -8.61 -5.84 0.90
N PHE A 405 -7.41 -6.30 0.54
CA PHE A 405 -6.81 -5.96 -0.75
C PHE A 405 -7.77 -6.18 -1.93
N HIS A 406 -8.53 -7.28 -1.90
CA HIS A 406 -9.44 -7.55 -3.01
C HIS A 406 -10.77 -6.86 -2.86
N ASP A 407 -11.00 -6.16 -1.76
CA ASP A 407 -12.23 -5.45 -1.48
C ASP A 407 -12.03 -3.95 -1.58
N CYS A 408 -10.92 -3.52 -2.18
CA CYS A 408 -10.57 -2.11 -2.28
C CYS A 408 -10.21 -1.75 -3.71
N LEU A 409 -10.55 -0.55 -4.08
CA LEU A 409 -10.32 -0.04 -5.40
C LEU A 409 -9.24 1.03 -5.37
N PRO A 410 -8.48 1.20 -6.47
CA PRO A 410 -7.32 2.10 -6.46
C PRO A 410 -7.56 3.53 -5.97
N ARG A 411 -8.51 4.27 -6.54
CA ARG A 411 -8.66 5.67 -6.11
C ARG A 411 -9.21 5.79 -4.70
N ILE A 412 -10.02 4.82 -4.26
CA ILE A 412 -10.46 4.79 -2.87
C ILE A 412 -9.25 4.69 -1.93
N TYR A 413 -8.37 3.72 -2.19
CA TYR A 413 -7.14 3.64 -1.41
C TYR A 413 -6.32 4.93 -1.51
N ASN A 414 -6.16 5.47 -2.72
CA ASN A 414 -5.30 6.65 -2.89
C ASN A 414 -5.85 7.88 -2.20
N ASN A 415 -7.16 8.15 -2.37
CA ASN A 415 -7.75 9.32 -1.71
C ASN A 415 -7.68 9.20 -0.20
N ALA A 416 -7.71 7.98 0.33
CA ALA A 416 -7.55 7.81 1.77
C ALA A 416 -6.11 8.08 2.20
N TYR A 417 -5.13 7.56 1.44
CA TYR A 417 -3.75 7.80 1.81
C TYR A 417 -3.34 9.26 1.68
N ILE A 418 -3.96 9.99 0.73
CA ILE A 418 -3.62 11.40 0.54
C ILE A 418 -3.92 12.20 1.79
N LYS A 419 -4.95 11.82 2.54
CA LYS A 419 -5.23 12.46 3.83
C LYS A 419 -4.31 11.97 4.92
N HIS A 420 -3.72 10.77 4.77
CA HIS A 420 -2.78 10.27 5.74
C HIS A 420 -1.36 10.76 5.51
N TYR A 421 -1.03 11.24 4.30
CA TYR A 421 0.37 11.39 3.92
C TYR A 421 0.95 12.63 4.58
N GLY A 422 2.13 12.47 5.17
CA GLY A 422 2.78 13.55 5.89
C GLY A 422 3.96 14.06 5.11
N MET A 423 3.81 15.22 4.47
CA MET A 423 4.85 15.77 3.62
C MET A 423 6.05 16.25 4.41
N ASP A 424 5.95 16.31 5.73
CA ASP A 424 7.08 16.68 6.57
C ASP A 424 7.14 15.78 7.80
N ASP A 425 6.92 14.48 7.59
CA ASP A 425 7.12 13.53 8.66
C ASP A 425 8.60 13.45 9.03
N LEU A 426 8.85 12.97 10.23
CA LEU A 426 10.22 12.67 10.64
C LEU A 426 10.34 11.22 11.08
N TRP A 427 11.59 10.77 11.21
CA TRP A 427 11.89 9.38 11.50
C TRP A 427 12.82 9.31 12.71
N ILE A 428 12.71 8.22 13.46
CA ILE A 428 13.48 8.05 14.69
C ILE A 428 14.48 6.91 14.50
N ALA A 429 15.76 7.21 14.75
CA ALA A 429 16.76 6.16 14.91
C ALA A 429 17.71 6.56 16.04
N LYS A 430 19.02 6.60 15.77
CA LYS A 430 19.98 7.07 16.75
C LYS A 430 19.64 8.49 17.20
N THR A 431 19.34 9.38 16.25
CA THR A 431 18.72 10.67 16.50
C THR A 431 17.56 10.86 15.52
N ILE A 432 16.99 12.06 15.47
CA ILE A 432 15.90 12.33 14.53
C ILE A 432 16.49 12.57 13.14
N TYR A 433 15.85 12.01 12.11
CA TYR A 433 16.31 12.24 10.75
C TYR A 433 15.12 12.40 9.80
N ARG A 434 15.42 12.92 8.60
CA ARG A 434 14.46 13.16 7.54
C ARG A 434 14.81 12.35 6.30
N LEU A 435 13.76 11.86 5.61
CA LEU A 435 13.87 11.24 4.29
C LEU A 435 13.13 12.11 3.28
N PRO A 436 13.73 13.21 2.81
CA PRO A 436 12.99 14.15 1.96
C PRO A 436 12.50 13.56 0.65
N LEU A 437 13.07 12.44 0.20
CA LEU A 437 12.52 11.78 -0.99
C LEU A 437 11.27 10.98 -0.67
N VAL A 438 11.11 10.52 0.57
CA VAL A 438 9.86 9.90 0.98
C VAL A 438 8.81 10.96 1.33
N ASN A 439 9.18 12.00 2.08
CA ASN A 439 8.25 12.99 2.62
C ASN A 439 8.57 14.37 2.08
N ASN A 440 7.75 14.88 1.18
CA ASN A 440 8.01 16.17 0.55
C ASN A 440 6.69 16.70 0.01
N LYS A 441 6.65 18.02 -0.19
CA LYS A 441 5.44 18.65 -0.69
C LYS A 441 5.19 18.33 -2.16
N VAL A 442 6.22 17.94 -2.92
CA VAL A 442 6.05 17.66 -4.35
C VAL A 442 5.17 16.43 -4.58
N PHE A 443 5.37 15.35 -3.81
CA PHE A 443 4.50 14.19 -3.94
C PHE A 443 3.06 14.56 -3.63
N LEU A 444 2.83 15.33 -2.56
CA LEU A 444 1.46 15.62 -2.17
C LEU A 444 0.78 16.55 -3.16
N GLU A 445 1.53 17.52 -3.72
CA GLU A 445 0.96 18.40 -4.74
C GLU A 445 0.63 17.63 -6.02
N LEU A 446 1.50 16.73 -6.45
CA LEU A 446 1.19 15.91 -7.60
C LEU A 446 -0.01 15.01 -7.31
N ALA A 447 -0.11 14.51 -6.07
CA ALA A 447 -1.25 13.67 -5.71
C ALA A 447 -2.55 14.46 -5.78
N ASN A 448 -2.54 15.70 -5.28
CA ASN A 448 -3.76 16.51 -5.31
C ASN A 448 -4.12 16.88 -6.74
N ARG A 449 -3.11 17.15 -7.58
CA ARG A 449 -3.40 17.55 -8.94
C ARG A 449 -3.99 16.39 -9.74
N TYR A 450 -3.45 15.17 -9.57
CA TYR A 450 -4.02 14.04 -10.28
C TYR A 450 -5.39 13.69 -9.73
N ALA A 451 -5.57 13.81 -8.40
CA ALA A 451 -6.90 13.63 -7.84
C ALA A 451 -7.89 14.62 -8.45
N GLN A 452 -7.45 15.85 -8.71
CA GLN A 452 -8.40 16.78 -9.33
C GLN A 452 -8.62 16.43 -10.78
N GLN A 453 -7.61 15.90 -11.48
CA GLN A 453 -7.80 15.48 -12.87
C GLN A 453 -8.86 14.38 -12.96
N CYS A 454 -8.86 13.44 -12.01
CA CYS A 454 -9.86 12.38 -12.01
C CYS A 454 -11.28 12.91 -11.82
N GLN A 455 -11.44 14.04 -11.16
CA GLN A 455 -12.77 14.60 -11.01
C GLN A 455 -13.23 15.42 -12.22
N LEU A 456 -12.29 15.94 -13.04
CA LEU A 456 -12.64 16.90 -14.08
C LEU A 456 -13.72 16.38 -15.04
N TYR A 457 -13.54 15.16 -15.55
CA TYR A 457 -14.45 14.56 -16.53
C TYR A 457 -15.75 14.06 -15.91
N GLN A 458 -15.84 13.96 -14.59
CA GLN A 458 -17.02 13.32 -14.00
C GLN A 458 -18.31 14.11 -14.23
N PRO A 459 -18.35 15.45 -14.12
CA PRO A 459 -19.60 16.18 -14.41
C PRO A 459 -20.20 15.89 -15.77
N ALA A 460 -19.38 15.88 -16.83
CA ALA A 460 -19.94 15.64 -18.16
C ALA A 460 -20.38 14.19 -18.30
N GLU A 461 -19.54 13.25 -17.86
CA GLU A 461 -19.91 11.84 -17.95
C GLU A 461 -21.18 11.57 -17.15
N LEU A 462 -21.30 12.17 -15.97
CA LEU A 462 -22.50 11.93 -15.18
C LEU A 462 -23.70 12.57 -15.86
N THR A 463 -23.51 13.77 -16.43
CA THR A 463 -24.59 14.44 -17.14
C THR A 463 -25.05 13.61 -18.34
N LYS A 464 -24.14 12.95 -19.06
CA LYS A 464 -24.66 12.12 -20.14
C LYS A 464 -25.38 10.89 -19.61
N LEU A 465 -24.92 10.32 -18.50
CA LEU A 465 -25.58 9.15 -17.94
C LEU A 465 -26.99 9.48 -17.48
N VAL A 466 -27.17 10.64 -16.83
CA VAL A 466 -28.50 11.01 -16.37
C VAL A 466 -29.40 11.35 -17.56
N ASN A 467 -28.86 12.02 -18.57
CA ASN A 467 -29.63 12.25 -19.78
C ASN A 467 -30.06 10.95 -20.43
N TRP A 468 -29.14 9.98 -20.51
CA TRP A 468 -29.48 8.69 -21.09
C TRP A 468 -30.52 7.96 -20.25
N TRP A 469 -30.45 8.11 -18.91
CA TRP A 469 -31.49 7.55 -18.05
C TRP A 469 -32.84 8.14 -18.39
N HIS A 470 -32.91 9.47 -18.53
CA HIS A 470 -34.19 10.12 -18.78
C HIS A 470 -34.77 9.71 -20.14
N SER A 471 -33.98 9.85 -21.20
CA SER A 471 -34.47 9.58 -22.54
C SER A 471 -34.81 8.11 -22.75
N SER A 472 -34.22 7.20 -21.96
CA SER A 472 -34.56 5.80 -22.08
C SER A 472 -35.89 5.46 -21.41
N ARG A 473 -36.44 6.38 -20.62
CA ARG A 473 -37.76 6.25 -20.01
C ARG A 473 -37.82 5.13 -18.99
N PHE A 474 -36.72 4.95 -18.27
CA PHE A 474 -36.70 4.01 -17.14
C PHE A 474 -37.66 4.45 -16.03
N GLU A 475 -37.94 5.74 -15.93
CA GLU A 475 -38.83 6.28 -14.92
C GLU A 475 -40.29 5.84 -15.14
N ASP A 476 -40.56 5.07 -16.18
CA ASP A 476 -41.92 4.79 -16.60
C ASP A 476 -42.36 3.36 -16.34
N ILE A 477 -41.66 2.62 -15.51
CA ILE A 477 -42.05 1.25 -15.23
C ILE A 477 -43.06 1.23 -14.07
N ALA A 484 -38.58 2.57 -10.34
CA ALA A 484 -37.25 2.46 -10.94
C ALA A 484 -36.36 3.60 -10.47
N ASN A 485 -35.49 3.33 -9.49
CA ASN A 485 -34.73 4.39 -8.84
C ASN A 485 -33.38 4.59 -9.50
N ILE A 486 -32.97 5.85 -9.59
CA ILE A 486 -31.76 6.20 -10.32
C ILE A 486 -30.53 6.21 -9.41
N ASP A 487 -30.71 6.08 -8.08
CA ASP A 487 -29.56 6.07 -7.17
C ASP A 487 -28.52 5.04 -7.57
N MET A 488 -28.95 3.97 -8.27
CA MET A 488 -28.01 2.94 -8.69
C MET A 488 -26.89 3.49 -9.56
N LEU A 489 -27.12 4.64 -10.22
CA LEU A 489 -26.20 5.08 -11.24
C LEU A 489 -24.96 5.75 -10.65
N PRO A 490 -25.08 6.74 -9.77
CA PRO A 490 -23.85 7.30 -9.16
C PRO A 490 -22.97 6.25 -8.51
N TYR A 491 -23.57 5.25 -7.85
CA TYR A 491 -22.75 4.22 -7.25
C TYR A 491 -21.99 3.45 -8.32
N ILE A 492 -22.67 3.08 -9.42
CA ILE A 492 -21.98 2.33 -10.47
C ILE A 492 -20.87 3.18 -11.09
N TYR A 493 -21.16 4.46 -11.33
CA TYR A 493 -20.13 5.33 -11.87
C TYR A 493 -18.98 5.48 -10.88
N TYR A 494 -19.30 5.49 -9.59
CA TYR A 494 -18.27 5.66 -8.57
C TYR A 494 -17.23 4.53 -8.65
N VAL A 495 -17.67 3.28 -8.70
CA VAL A 495 -16.67 2.21 -8.66
C VAL A 495 -15.89 2.10 -9.98
N ILE A 496 -16.51 2.40 -11.12
CA ILE A 496 -15.72 2.35 -12.35
C ILE A 496 -14.77 3.55 -12.44
N CYS A 497 -15.13 4.70 -11.87
CA CYS A 497 -14.19 5.82 -11.76
C CYS A 497 -12.99 5.45 -10.90
N ALA A 498 -13.21 4.66 -9.85
CA ALA A 498 -12.13 4.32 -8.93
C ALA A 498 -11.17 3.31 -9.52
N THR A 499 -11.63 2.51 -10.49
CA THR A 499 -10.80 1.47 -11.07
C THR A 499 -10.16 1.90 -12.39
N PHE A 500 -10.89 2.62 -13.24
CA PHE A 500 -10.35 3.10 -14.51
C PHE A 500 -10.42 4.62 -14.52
N HIS A 501 -9.48 5.22 -13.81
CA HIS A 501 -9.56 6.61 -13.44
C HIS A 501 -8.95 7.50 -14.49
N GLU A 502 -7.99 6.97 -15.26
CA GLU A 502 -7.35 7.72 -16.34
C GLU A 502 -8.42 8.22 -17.30
N GLN A 503 -8.24 9.45 -17.80
CA GLN A 503 -9.32 10.11 -18.52
C GLN A 503 -9.66 9.38 -19.82
N GLU A 504 -8.67 8.73 -20.42
CA GLU A 504 -8.81 8.04 -21.70
C GLU A 504 -9.82 6.90 -21.68
N PHE A 505 -10.24 6.44 -20.48
CA PHE A 505 -11.19 5.33 -20.34
C PHE A 505 -12.65 5.80 -20.31
N ALA A 506 -12.96 6.98 -20.86
CA ALA A 506 -14.32 7.52 -20.76
C ALA A 506 -15.36 6.63 -21.42
N GLN A 507 -15.07 6.10 -22.60
CA GLN A 507 -16.04 5.22 -23.23
C GLN A 507 -16.26 3.97 -22.41
N LEU A 508 -15.19 3.42 -21.85
CA LEU A 508 -15.33 2.30 -20.93
C LEU A 508 -16.21 2.66 -19.74
N ARG A 509 -15.93 3.79 -19.07
CA ARG A 509 -16.73 4.14 -17.89
C ARG A 509 -18.19 4.36 -18.24
N VAL A 510 -18.49 4.98 -19.38
CA VAL A 510 -19.89 5.25 -19.71
C VAL A 510 -20.61 3.97 -20.13
N PHE A 511 -20.00 3.19 -21.01
CA PHE A 511 -20.66 1.97 -21.47
C PHE A 511 -20.86 0.99 -20.31
N PHE A 512 -19.80 0.76 -19.52
CA PHE A 512 -19.92 -0.07 -18.32
C PHE A 512 -21.08 0.38 -17.44
N SER A 513 -21.19 1.69 -17.22
CA SER A 513 -22.29 2.20 -16.41
C SER A 513 -23.63 1.88 -17.04
N LYS A 514 -23.74 2.05 -18.35
CA LYS A 514 -25.01 1.75 -18.97
C LYS A 514 -25.34 0.26 -18.84
N ALA A 515 -24.36 -0.59 -19.10
CA ALA A 515 -24.56 -2.04 -19.02
C ALA A 515 -24.99 -2.47 -17.63
N CYS A 516 -24.29 -1.99 -16.60
CA CYS A 516 -24.64 -2.35 -15.23
C CYS A 516 -26.06 -1.90 -14.89
N CYS A 517 -26.42 -0.68 -15.29
CA CYS A 517 -27.77 -0.19 -15.10
C CYS A 517 -28.80 -1.08 -15.79
N LEU A 518 -28.58 -1.37 -17.07
CA LEU A 518 -29.55 -2.18 -17.80
C LEU A 518 -29.77 -3.52 -17.11
N ASN A 519 -28.68 -4.19 -16.71
CA ASN A 519 -28.85 -5.49 -16.11
C ASN A 519 -29.47 -5.40 -14.71
N THR A 520 -29.05 -4.41 -13.92
CA THR A 520 -29.65 -4.22 -12.59
C THR A 520 -31.15 -4.09 -12.68
N LEU A 521 -31.63 -3.34 -13.67
CA LEU A 521 -33.06 -3.20 -13.92
C LEU A 521 -33.69 -4.55 -14.31
N PHE A 522 -33.21 -5.15 -15.40
CA PHE A 522 -33.76 -6.44 -15.84
C PHE A 522 -33.77 -7.45 -14.71
N ASP A 523 -32.61 -7.66 -14.07
CA ASP A 523 -32.53 -8.64 -12.99
C ASP A 523 -33.53 -8.32 -11.88
N ASP A 524 -33.65 -7.04 -11.51
CA ASP A 524 -34.60 -6.67 -10.47
C ASP A 524 -36.03 -7.00 -10.89
N LEU A 525 -36.37 -6.67 -12.15
CA LEU A 525 -37.71 -6.95 -12.66
C LEU A 525 -38.01 -8.43 -12.64
N MET A 526 -37.09 -9.24 -13.17
CA MET A 526 -37.34 -10.67 -13.20
C MET A 526 -37.40 -11.27 -11.80
N ASP A 527 -36.58 -10.79 -10.89
CA ASP A 527 -36.65 -11.34 -9.54
C ASP A 527 -37.97 -10.95 -8.80
N CYS A 528 -38.97 -10.47 -9.56
CA CYS A 528 -40.30 -10.20 -9.01
C CYS A 528 -41.40 -10.42 -10.05
N ALA A 529 -41.13 -11.18 -11.11
CA ALA A 529 -42.11 -11.47 -12.14
C ALA A 529 -43.42 -11.99 -11.56
N GLU A 533 -45.61 -16.34 -14.29
CA GLU A 533 -44.56 -16.74 -15.21
C GLU A 533 -44.96 -16.56 -16.67
N GLU A 534 -44.45 -15.50 -17.26
CA GLU A 534 -44.31 -15.40 -18.70
C GLU A 534 -42.92 -14.89 -19.05
N LEU A 535 -41.93 -15.26 -18.22
CA LEU A 535 -40.54 -15.17 -18.63
C LEU A 535 -40.32 -15.87 -19.95
N ASP A 536 -41.09 -16.92 -20.21
CA ASP A 536 -41.05 -17.55 -21.52
C ASP A 536 -41.57 -16.60 -22.59
N ARG A 537 -42.61 -15.82 -22.29
CA ARG A 537 -43.03 -14.74 -23.20
C ARG A 537 -41.89 -13.74 -23.42
N LEU A 538 -41.01 -13.62 -22.44
CA LEU A 538 -39.87 -12.72 -22.54
C LEU A 538 -38.69 -13.40 -23.21
N GLN A 539 -38.30 -14.57 -22.69
CA GLN A 539 -37.24 -15.35 -23.31
C GLN A 539 -37.49 -15.53 -24.80
N ASN A 540 -38.77 -15.65 -25.19
CA ASN A 540 -39.13 -15.67 -26.61
C ASN A 540 -38.50 -14.50 -27.34
N VAL A 541 -38.84 -13.28 -26.92
CA VAL A 541 -38.32 -12.09 -27.58
C VAL A 541 -36.80 -12.03 -27.46
N ILE A 542 -36.29 -12.19 -26.24
CA ILE A 542 -34.85 -12.02 -26.01
C ILE A 542 -34.06 -13.01 -26.84
N GLU A 543 -34.54 -14.27 -26.93
CA GLU A 543 -33.86 -15.26 -27.75
C GLU A 543 -33.65 -14.74 -29.16
N LYS A 544 -34.66 -14.07 -29.72
CA LYS A 544 -34.57 -13.58 -31.08
C LYS A 544 -33.77 -12.29 -31.19
N TRP A 545 -33.62 -11.54 -30.09
CA TRP A 545 -32.95 -10.22 -30.09
C TRP A 545 -33.45 -9.36 -31.26
N ASP A 546 -34.75 -9.43 -31.48
CA ASP A 546 -35.40 -8.75 -32.59
C ASP A 546 -36.17 -7.57 -31.99
N ILE A 547 -35.70 -6.36 -32.29
CA ILE A 547 -36.38 -5.15 -31.84
C ILE A 547 -37.78 -5.06 -32.43
N SER A 548 -38.07 -5.86 -33.46
CA SER A 548 -39.37 -5.82 -34.13
C SER A 548 -40.45 -6.43 -33.25
N LEU A 549 -40.14 -7.54 -32.58
CA LEU A 549 -41.06 -8.16 -31.65
C LEU A 549 -40.99 -7.56 -30.26
N SER A 550 -40.44 -6.36 -30.14
CA SER A 550 -40.55 -5.63 -28.89
C SER A 550 -42.01 -5.42 -28.51
N HIS A 551 -42.90 -5.21 -29.49
CA HIS A 551 -44.25 -4.78 -29.15
C HIS A 551 -45.04 -5.85 -28.40
N GLU A 552 -44.57 -7.10 -28.39
CA GLU A 552 -45.26 -8.16 -27.66
C GLU A 552 -44.89 -8.20 -26.18
N LEU A 553 -44.03 -7.29 -25.71
CA LEU A 553 -43.56 -7.31 -24.32
C LEU A 553 -44.42 -6.41 -23.44
N PRO A 554 -44.63 -6.80 -22.19
CA PRO A 554 -45.61 -6.11 -21.34
C PRO A 554 -45.23 -4.73 -20.84
N LEU A 555 -44.44 -3.96 -21.61
CA LEU A 555 -44.06 -2.57 -21.28
C LEU A 555 -42.98 -2.50 -20.19
N GLU A 556 -43.19 -3.18 -19.07
CA GLU A 556 -42.14 -3.18 -18.05
C GLU A 556 -40.91 -3.94 -18.53
N TYR A 557 -41.08 -4.92 -19.41
CA TYR A 557 -39.94 -5.54 -20.06
C TYR A 557 -39.62 -4.85 -21.37
N ARG A 558 -40.55 -4.06 -21.89
CA ARG A 558 -40.34 -3.40 -23.18
C ARG A 558 -39.33 -2.27 -23.05
N ILE A 559 -39.44 -1.47 -21.99
CA ILE A 559 -38.54 -0.32 -21.81
C ILE A 559 -37.08 -0.77 -21.69
N PRO A 560 -36.72 -1.68 -20.77
CA PRO A 560 -35.32 -2.10 -20.73
C PRO A 560 -34.90 -2.83 -21.98
N PHE A 561 -35.81 -3.56 -22.63
CA PHE A 561 -35.38 -4.32 -23.79
C PHE A 561 -34.99 -3.41 -24.93
N GLN A 562 -35.78 -2.37 -25.17
CA GLN A 562 -35.50 -1.50 -26.30
C GLN A 562 -34.24 -0.70 -26.05
N GLU A 563 -34.01 -0.28 -24.80
CA GLU A 563 -32.77 0.43 -24.50
C GLU A 563 -31.58 -0.53 -24.52
N PHE A 564 -31.80 -1.78 -24.15
CA PHE A 564 -30.74 -2.77 -24.27
C PHE A 564 -30.36 -2.95 -25.74
N TYR A 565 -31.36 -3.01 -26.61
CA TYR A 565 -31.10 -3.18 -28.03
C TYR A 565 -30.40 -1.96 -28.61
N ASN A 566 -30.84 -0.75 -28.21
CA ASN A 566 -30.24 0.49 -28.70
C ASN A 566 -28.79 0.63 -28.25
N THR A 567 -28.55 0.48 -26.94
CA THR A 567 -27.19 0.56 -26.41
C THR A 567 -26.25 -0.41 -27.12
N VAL A 568 -26.74 -1.61 -27.47
CA VAL A 568 -25.90 -2.53 -28.22
C VAL A 568 -25.46 -1.92 -29.55
N LEU A 569 -26.42 -1.34 -30.30
CA LEU A 569 -26.07 -0.68 -31.55
C LEU A 569 -25.04 0.42 -31.31
N VAL A 570 -25.28 1.26 -30.31
CA VAL A 570 -24.34 2.35 -29.98
C VAL A 570 -22.97 1.79 -29.64
N MET A 571 -22.94 0.76 -28.78
CA MET A 571 -21.67 0.12 -28.44
C MET A 571 -21.00 -0.43 -29.69
N THR A 572 -21.80 -1.05 -30.56
CA THR A 572 -21.27 -1.62 -31.79
C THR A 572 -20.68 -0.55 -32.69
N GLU A 573 -21.32 0.62 -32.78
CA GLU A 573 -20.73 1.65 -33.63
C GLU A 573 -19.42 2.17 -33.02
N ALA A 574 -19.42 2.48 -31.71
CA ALA A 574 -18.19 2.99 -31.11
C ALA A 574 -17.05 1.96 -31.23
N ALA A 575 -17.35 0.69 -31.01
CA ALA A 575 -16.30 -0.32 -31.08
C ALA A 575 -15.81 -0.50 -32.51
N SER A 576 -16.71 -0.42 -33.51
CA SER A 576 -16.28 -0.56 -34.90
C SER A 576 -15.38 0.59 -35.33
N LYS A 577 -15.65 1.79 -34.83
CA LYS A 577 -14.70 2.88 -35.06
C LYS A 577 -13.34 2.56 -34.45
N ILE A 578 -13.32 1.89 -33.31
CA ILE A 578 -12.05 1.63 -32.62
C ILE A 578 -11.30 0.48 -33.27
N HIS A 579 -12.02 -0.59 -33.63
CA HIS A 579 -11.42 -1.85 -34.04
C HIS A 579 -11.71 -2.06 -35.52
N LYS A 580 -10.83 -1.49 -36.36
CA LYS A 580 -11.04 -1.54 -37.81
C LYS A 580 -10.96 -2.97 -38.36
N ASN A 581 -10.18 -3.84 -37.73
CA ASN A 581 -10.09 -5.22 -38.17
C ASN A 581 -11.34 -6.02 -37.85
N LEU A 582 -12.20 -5.55 -36.95
CA LEU A 582 -13.41 -6.28 -36.59
C LEU A 582 -14.59 -5.67 -37.34
N SER A 583 -15.38 -6.54 -37.95
CA SER A 583 -16.53 -6.04 -38.67
C SER A 583 -17.62 -5.61 -37.68
N PRO A 584 -18.44 -4.63 -38.05
CA PRO A 584 -19.58 -4.27 -37.20
C PRO A 584 -20.51 -5.44 -36.92
N GLU A 585 -20.64 -6.35 -37.88
CA GLU A 585 -21.55 -7.46 -37.68
C GLU A 585 -20.98 -8.47 -36.70
N PHE A 586 -19.67 -8.72 -36.74
CA PHE A 586 -19.05 -9.58 -35.76
C PHE A 586 -19.22 -9.01 -34.35
N ILE A 587 -18.97 -7.70 -34.20
CA ILE A 587 -19.10 -7.07 -32.89
C ILE A 587 -20.53 -7.19 -32.37
N CYS A 588 -21.52 -7.00 -33.27
CA CYS A 588 -22.90 -6.86 -32.80
C CYS A 588 -23.50 -8.22 -32.47
N LYS A 589 -23.10 -9.28 -33.20
CA LYS A 589 -23.47 -10.65 -32.83
C LYS A 589 -22.84 -11.02 -31.50
N TYR A 590 -21.63 -10.52 -31.25
CA TYR A 590 -20.95 -10.78 -29.99
C TYR A 590 -21.68 -10.11 -28.83
N LEU A 591 -21.97 -8.82 -28.95
CA LEU A 591 -22.64 -8.08 -27.87
C LEU A 591 -24.04 -8.62 -27.61
N SER A 592 -24.83 -8.85 -28.67
CA SER A 592 -26.17 -9.41 -28.45
C SER A 592 -26.08 -10.83 -27.92
N GLY A 593 -25.09 -11.58 -28.41
CA GLY A 593 -24.88 -12.92 -27.90
C GLY A 593 -24.64 -12.94 -26.41
N ILE A 594 -23.73 -12.11 -25.92
CA ILE A 594 -23.42 -12.17 -24.50
C ILE A 594 -24.61 -11.71 -23.66
N TYR A 595 -25.36 -10.73 -24.14
CA TYR A 595 -26.45 -10.22 -23.32
C TYR A 595 -27.65 -11.16 -23.33
N THR A 596 -27.90 -11.86 -24.45
CA THR A 596 -28.95 -12.87 -24.44
C THR A 596 -28.58 -14.03 -23.53
N LYS A 597 -27.33 -14.50 -23.63
CA LYS A 597 -26.88 -15.57 -22.75
C LYS A 597 -27.06 -15.18 -21.29
N LEU A 598 -26.64 -13.96 -20.93
CA LEU A 598 -26.81 -13.51 -19.55
C LEU A 598 -28.29 -13.45 -19.17
N ILE A 599 -29.12 -12.80 -20.00
CA ILE A 599 -30.51 -12.59 -19.65
C ILE A 599 -31.23 -13.92 -19.43
N LYS A 600 -31.08 -14.87 -20.37
CA LYS A 600 -31.81 -16.12 -20.23
C LYS A 600 -31.32 -16.93 -19.03
N SER A 601 -30.01 -16.93 -18.78
CA SER A 601 -29.50 -17.51 -17.55
C SER A 601 -30.10 -16.83 -16.33
N GLU A 602 -30.47 -15.55 -16.45
CA GLU A 602 -31.10 -14.85 -15.34
C GLU A 602 -32.58 -15.21 -15.23
N ILE A 603 -33.21 -15.56 -16.36
CA ILE A 603 -34.53 -16.16 -16.34
C ILE A 603 -34.47 -17.55 -15.70
N ALA A 604 -33.38 -18.28 -15.99
CA ALA A 604 -33.20 -19.62 -15.44
C ALA A 604 -33.12 -19.59 -13.91
N ASP A 605 -32.28 -18.70 -13.39
CA ASP A 605 -32.12 -18.52 -11.93
C ASP A 605 -33.47 -18.07 -11.34
N ALA A 606 -34.34 -17.49 -12.17
CA ALA A 606 -35.65 -17.03 -11.72
C ALA A 606 -36.63 -18.19 -11.63
N ARG A 607 -36.74 -19.00 -12.68
CA ARG A 607 -37.77 -20.02 -12.65
C ARG A 607 -37.45 -21.19 -11.73
N TRP A 608 -36.20 -21.23 -11.26
CA TRP A 608 -35.74 -22.23 -10.26
C TRP A 608 -36.12 -21.68 -8.87
N LYS A 609 -36.13 -20.35 -8.73
CA LYS A 609 -36.52 -19.69 -7.50
C LYS A 609 -38.04 -19.64 -7.33
N ILE A 610 -38.80 -19.70 -8.41
CA ILE A 610 -40.26 -19.80 -8.29
C ILE A 610 -40.70 -21.25 -8.10
N GLU A 611 -40.19 -22.18 -8.91
CA GLU A 611 -40.54 -23.58 -8.70
C GLU A 611 -39.71 -24.17 -7.55
N GLY A 612 -40.10 -25.36 -7.11
CA GLY A 612 -39.38 -26.03 -6.06
C GLY A 612 -38.20 -26.83 -6.58
N TYR A 613 -37.06 -26.18 -6.77
CA TYR A 613 -35.86 -26.83 -7.30
C TYR A 613 -34.64 -26.31 -6.56
N ILE A 614 -34.03 -27.17 -5.75
CA ILE A 614 -32.69 -26.96 -5.19
C ILE A 614 -31.78 -27.91 -5.97
N PRO A 615 -30.97 -27.43 -6.91
CA PRO A 615 -30.23 -28.38 -7.76
C PRO A 615 -29.02 -28.95 -7.04
N SER A 616 -28.09 -29.55 -7.79
CA SER A 616 -26.78 -29.93 -7.29
C SER A 616 -25.97 -28.69 -6.88
N PHE A 617 -24.72 -28.88 -6.45
CA PHE A 617 -23.80 -27.73 -6.37
C PHE A 617 -23.14 -27.49 -7.72
N GLU A 618 -22.76 -28.57 -8.42
CA GLU A 618 -22.24 -28.44 -9.78
C GLU A 618 -23.28 -27.79 -10.70
N GLU A 619 -24.51 -28.28 -10.67
CA GLU A 619 -25.53 -27.79 -11.60
C GLU A 619 -25.96 -26.36 -11.27
N TYR A 620 -26.25 -26.08 -9.99
CA TYR A 620 -26.67 -24.73 -9.61
C TYR A 620 -25.62 -23.71 -10.02
N MET A 621 -24.34 -24.03 -9.80
CA MET A 621 -23.31 -23.04 -10.05
C MET A 621 -22.88 -23.00 -11.50
N GLU A 622 -23.25 -24.01 -12.29
CA GLU A 622 -23.06 -23.87 -13.72
C GLU A 622 -23.91 -22.74 -14.27
N ASN A 623 -25.16 -22.65 -13.83
CA ASN A 623 -26.00 -21.54 -14.25
C ASN A 623 -25.78 -20.31 -13.38
N ALA A 624 -25.44 -20.49 -12.11
CA ALA A 624 -25.25 -19.33 -11.25
C ALA A 624 -23.98 -18.55 -11.58
N GLU A 625 -22.99 -19.22 -12.18
CA GLU A 625 -21.75 -18.57 -12.57
C GLU A 625 -21.94 -17.72 -13.81
N VAL A 626 -22.82 -18.14 -14.72
CA VAL A 626 -23.16 -17.27 -15.84
C VAL A 626 -24.12 -16.18 -15.38
N SER A 627 -25.09 -16.53 -14.55
CA SER A 627 -26.05 -15.62 -13.94
C SER A 627 -25.41 -14.48 -13.15
N ILE A 628 -24.14 -14.62 -12.75
CA ILE A 628 -23.54 -13.66 -11.82
C ILE A 628 -23.21 -12.34 -12.51
N SER A 629 -23.41 -12.27 -13.84
CA SER A 629 -23.47 -11.02 -14.63
C SER A 629 -22.12 -10.34 -14.79
N THR A 630 -21.17 -10.74 -13.96
CA THR A 630 -19.90 -10.05 -13.87
C THR A 630 -19.05 -10.21 -15.13
N TRP A 631 -19.09 -11.40 -15.75
CA TRP A 631 -18.27 -11.69 -16.92
C TRP A 631 -18.73 -10.90 -18.14
N VAL A 632 -20.02 -10.54 -18.20
CA VAL A 632 -20.53 -9.83 -19.37
C VAL A 632 -19.98 -8.41 -19.40
N HIS A 633 -19.79 -7.80 -18.22
CA HIS A 633 -19.20 -6.49 -18.22
C HIS A 633 -17.73 -6.56 -18.60
N VAL A 634 -17.05 -7.67 -18.31
CA VAL A 634 -15.68 -7.87 -18.79
C VAL A 634 -15.67 -7.98 -20.31
N LEU A 635 -16.56 -8.80 -20.86
CA LEU A 635 -16.52 -9.11 -22.29
C LEU A 635 -16.88 -7.88 -23.11
N MET A 636 -17.79 -7.06 -22.60
CA MET A 636 -18.13 -5.82 -23.27
C MET A 636 -17.00 -4.81 -23.12
N SER A 637 -16.52 -4.62 -21.88
CA SER A 637 -15.62 -3.52 -21.58
C SER A 637 -14.29 -3.65 -22.31
N ILE A 638 -13.87 -4.89 -22.63
CA ILE A 638 -12.58 -5.01 -23.30
C ILE A 638 -12.59 -4.38 -24.69
N LEU A 639 -13.77 -4.16 -25.28
CA LEU A 639 -13.83 -3.43 -26.55
C LEU A 639 -13.25 -2.03 -26.42
N PHE A 640 -13.17 -1.51 -25.20
CA PHE A 640 -12.89 -0.10 -25.00
C PHE A 640 -11.70 0.11 -24.07
N CYS A 641 -10.95 -0.94 -23.81
CA CYS A 641 -9.91 -0.89 -22.81
C CYS A 641 -8.55 -0.50 -23.38
N GLY A 642 -8.51 -0.08 -24.64
CA GLY A 642 -7.27 0.34 -25.28
C GLY A 642 -6.36 -0.77 -25.78
N GLU A 643 -6.85 -1.99 -25.89
CA GLU A 643 -6.04 -3.09 -26.37
C GLU A 643 -6.53 -3.54 -27.75
N PRO A 644 -5.63 -3.98 -28.62
CA PRO A 644 -6.06 -4.52 -29.92
C PRO A 644 -6.71 -5.86 -29.72
N LEU A 645 -7.72 -6.14 -30.54
CA LEU A 645 -8.49 -7.35 -30.40
C LEU A 645 -8.48 -8.13 -31.71
N THR A 646 -8.75 -9.42 -31.60
CA THR A 646 -8.94 -10.31 -32.73
C THR A 646 -10.21 -11.12 -32.46
N GLU A 647 -10.67 -11.78 -33.51
CA GLU A 647 -11.83 -12.65 -33.35
C GLU A 647 -11.51 -13.85 -32.47
N GLU A 648 -10.30 -14.41 -32.58
CA GLU A 648 -9.91 -15.52 -31.72
C GLU A 648 -9.97 -15.13 -30.24
N ILE A 649 -9.60 -13.88 -29.92
CA ILE A 649 -9.66 -13.40 -28.55
C ILE A 649 -11.12 -13.35 -28.08
N LEU A 650 -11.99 -12.72 -28.87
CA LEU A 650 -13.37 -12.59 -28.44
C LEU A 650 -14.09 -13.94 -28.43
N ASN A 651 -13.62 -14.91 -29.21
CA ASN A 651 -14.24 -16.23 -29.23
C ASN A 651 -13.78 -17.11 -28.08
N THR A 652 -12.61 -16.85 -27.50
CA THR A 652 -12.10 -17.69 -26.44
C THR A 652 -12.12 -17.05 -25.06
N ILE A 653 -12.37 -15.73 -24.98
CA ILE A 653 -12.18 -14.97 -23.74
C ILE A 653 -13.09 -15.51 -22.63
N TYR A 654 -14.31 -15.94 -22.98
CA TYR A 654 -15.24 -16.40 -21.95
C TYR A 654 -14.71 -17.64 -21.24
N ASP A 655 -13.90 -18.45 -21.91
CA ASP A 655 -13.42 -19.71 -21.35
C ASP A 655 -12.00 -19.62 -20.82
N SER A 656 -11.37 -18.46 -20.94
CA SER A 656 -10.04 -18.28 -20.39
C SER A 656 -10.04 -18.48 -18.87
N ARG A 657 -8.89 -18.87 -18.34
CA ARG A 657 -8.80 -19.12 -16.91
C ARG A 657 -9.19 -17.90 -16.08
N PRO A 658 -8.70 -16.68 -16.36
CA PRO A 658 -9.09 -15.54 -15.51
C PRO A 658 -10.58 -15.24 -15.51
N LEU A 659 -11.28 -15.55 -16.59
CA LEU A 659 -12.72 -15.34 -16.59
C LEU A 659 -13.47 -16.42 -15.85
N LYS A 660 -12.98 -17.67 -15.89
CA LYS A 660 -13.49 -18.70 -15.00
C LYS A 660 -13.36 -18.25 -13.54
N LEU A 661 -12.15 -17.82 -13.15
CA LEU A 661 -11.92 -17.46 -11.75
C LEU A 661 -12.83 -16.31 -11.34
N ASP A 662 -12.98 -15.32 -12.23
CA ASP A 662 -13.92 -14.22 -12.03
C ASP A 662 -15.31 -14.72 -11.64
N ARG A 663 -15.88 -15.59 -12.49
CA ARG A 663 -17.24 -16.07 -12.26
C ARG A 663 -17.34 -16.82 -10.95
N ILE A 664 -16.33 -17.65 -10.64
CA ILE A 664 -16.37 -18.43 -9.41
C ILE A 664 -16.32 -17.53 -8.19
N ILE A 665 -15.36 -16.59 -8.16
CA ILE A 665 -15.18 -15.74 -6.99
C ILE A 665 -16.43 -14.92 -6.73
N CYS A 666 -17.01 -14.35 -7.79
CA CYS A 666 -18.16 -13.45 -7.61
C CYS A 666 -19.40 -14.22 -7.23
N ARG A 667 -19.57 -15.44 -7.73
CA ARG A 667 -20.70 -16.26 -7.32
C ARG A 667 -20.57 -16.65 -5.85
N LEU A 668 -19.41 -17.19 -5.47
CA LEU A 668 -19.17 -17.55 -4.08
C LEU A 668 -19.39 -16.36 -3.16
N CYS A 669 -18.76 -15.22 -3.48
CA CYS A 669 -18.93 -14.03 -2.66
C CYS A 669 -20.41 -13.68 -2.51
N ASN A 670 -21.14 -13.67 -3.61
CA ASN A 670 -22.55 -13.34 -3.53
C ASN A 670 -23.27 -14.31 -2.61
N ASP A 671 -23.03 -15.60 -2.78
CA ASP A 671 -23.78 -16.59 -2.02
C ASP A 671 -23.36 -16.63 -0.55
N ILE A 672 -22.15 -16.21 -0.22
CA ILE A 672 -21.73 -16.19 1.18
C ILE A 672 -22.25 -14.95 1.87
N GLN A 673 -22.09 -13.79 1.22
CA GLN A 673 -22.36 -12.51 1.85
C GLN A 673 -23.85 -12.22 1.95
N THR A 674 -24.68 -12.90 1.17
CA THR A 674 -26.12 -12.66 1.19
C THR A 674 -26.89 -13.77 1.89
N TYR A 675 -26.19 -14.71 2.53
CA TYR A 675 -26.78 -15.99 2.88
C TYR A 675 -27.91 -15.85 3.91
N LYS A 676 -27.63 -15.10 4.98
CA LYS A 676 -28.61 -14.84 6.05
C LYS A 676 -29.69 -13.92 5.49
N ILE A 677 -29.27 -12.91 4.73
CA ILE A 677 -30.23 -11.98 4.07
C ILE A 677 -31.19 -12.83 3.23
N GLU A 678 -30.79 -14.07 2.95
CA GLU A 678 -31.62 -14.98 2.17
C GLU A 678 -32.48 -15.87 3.05
N MET A 679 -32.04 -16.23 4.26
CA MET A 679 -32.84 -17.15 5.04
C MET A 679 -33.59 -16.48 6.18
N LYS A 680 -33.28 -15.23 6.49
CA LYS A 680 -34.14 -14.38 7.32
C LYS A 680 -35.51 -14.25 6.67
N LEU A 681 -35.71 -15.05 5.64
CA LEU A 681 -36.68 -14.77 4.60
C LEU A 681 -36.94 -16.06 3.82
N GLY A 682 -36.17 -17.11 4.09
CA GLY A 682 -36.46 -18.47 3.65
C GLY A 682 -36.33 -18.74 2.16
N GLN A 683 -35.13 -18.62 1.59
CA GLN A 683 -34.96 -18.84 0.16
C GLN A 683 -33.98 -19.98 -0.10
N PRO A 684 -34.37 -21.01 -0.87
CA PRO A 684 -33.60 -22.26 -0.88
C PRO A 684 -32.54 -22.36 -1.96
N THR A 685 -32.74 -21.71 -3.11
CA THR A 685 -31.89 -21.95 -4.28
C THR A 685 -30.66 -21.07 -4.20
N GLN A 686 -29.61 -21.61 -3.57
CA GLN A 686 -28.37 -20.87 -3.33
C GLN A 686 -27.29 -21.88 -3.01
N GLY A 687 -26.05 -21.45 -3.20
CA GLY A 687 -24.92 -22.35 -3.02
C GLY A 687 -24.83 -22.97 -1.63
N VAL A 688 -25.30 -22.27 -0.60
CA VAL A 688 -25.18 -22.82 0.75
C VAL A 688 -26.12 -23.99 0.92
N SER A 689 -27.36 -23.82 0.46
CA SER A 689 -28.30 -24.94 0.49
C SER A 689 -27.83 -26.06 -0.43
N CYS A 690 -27.53 -25.75 -1.69
CA CYS A 690 -27.16 -26.79 -2.65
C CYS A 690 -25.93 -27.56 -2.19
N TYR A 691 -25.06 -26.93 -1.41
CA TYR A 691 -23.99 -27.69 -0.80
C TYR A 691 -24.54 -28.61 0.26
N MET A 692 -25.53 -28.13 1.01
CA MET A 692 -26.09 -28.90 2.11
C MET A 692 -26.89 -30.09 1.61
N LYS A 693 -27.48 -29.98 0.44
CA LYS A 693 -28.12 -31.13 -0.16
C LYS A 693 -27.13 -32.15 -0.72
N GLU A 694 -25.84 -31.92 -0.60
CA GLU A 694 -24.87 -32.88 -1.09
C GLU A 694 -23.92 -33.36 0.00
N HIS A 695 -23.96 -32.76 1.18
CA HIS A 695 -23.12 -33.20 2.29
C HIS A 695 -23.99 -33.23 3.54
N PRO A 696 -24.84 -34.28 3.68
CA PRO A 696 -25.54 -34.52 4.95
C PRO A 696 -24.64 -34.38 6.16
N GLY A 697 -25.12 -33.68 7.19
CA GLY A 697 -24.37 -33.50 8.42
C GLY A 697 -23.48 -32.28 8.42
N ALA A 698 -23.30 -31.66 7.26
CA ALA A 698 -22.79 -30.30 7.23
C ALA A 698 -23.91 -29.38 7.67
N THR A 699 -23.65 -28.64 8.74
CA THR A 699 -24.50 -27.52 9.07
C THR A 699 -24.29 -26.42 8.03
N GLU A 700 -25.13 -25.40 8.10
CA GLU A 700 -24.85 -24.24 7.25
C GLU A 700 -23.54 -23.58 7.65
N GLU A 701 -23.13 -23.71 8.91
CA GLU A 701 -21.82 -23.21 9.33
C GLU A 701 -20.70 -23.88 8.56
N ASP A 702 -20.84 -25.16 8.24
CA ASP A 702 -19.78 -25.84 7.53
C ASP A 702 -19.83 -25.55 6.03
N ALA A 703 -21.03 -25.47 5.47
CA ALA A 703 -21.16 -25.02 4.08
C ALA A 703 -20.50 -23.66 3.89
N LEU A 704 -20.86 -22.68 4.73
CA LEU A 704 -20.26 -21.36 4.59
C LEU A 704 -18.75 -21.41 4.77
N VAL A 705 -18.27 -22.21 5.72
CA VAL A 705 -16.82 -22.33 5.91
C VAL A 705 -16.17 -22.88 4.64
N TYR A 706 -16.80 -23.88 4.04
CA TYR A 706 -16.28 -24.48 2.83
C TYR A 706 -16.29 -23.48 1.68
N LEU A 707 -17.43 -22.81 1.49
CA LEU A 707 -17.53 -21.81 0.43
C LEU A 707 -16.56 -20.68 0.67
N GLN A 708 -16.34 -20.32 1.94
CA GLN A 708 -15.38 -19.25 2.24
C GLN A 708 -13.97 -19.71 1.92
N SER A 709 -13.67 -20.98 2.20
CA SER A 709 -12.35 -21.51 1.87
C SER A 709 -12.15 -21.61 0.36
N LEU A 710 -13.17 -22.08 -0.37
CA LEU A 710 -13.03 -22.16 -1.81
C LEU A 710 -12.84 -20.75 -2.41
N LEU A 711 -13.53 -19.76 -1.86
CA LEU A 711 -13.36 -18.37 -2.29
C LEU A 711 -11.92 -17.91 -2.08
N GLU A 712 -11.37 -18.17 -0.90
CA GLU A 712 -10.01 -17.73 -0.62
C GLU A 712 -8.99 -18.43 -1.52
N LYS A 713 -9.23 -19.71 -1.82
CA LYS A 713 -8.32 -20.43 -2.71
C LYS A 713 -8.39 -19.90 -4.12
N THR A 714 -9.61 -19.59 -4.59
CA THR A 714 -9.75 -19.05 -5.93
C THR A 714 -9.09 -17.68 -6.07
N LYS A 715 -9.20 -16.86 -5.00
CA LYS A 715 -8.52 -15.55 -5.00
C LYS A 715 -7.02 -15.70 -5.17
N ARG A 716 -6.43 -16.76 -4.61
CA ARG A 716 -5.00 -16.95 -4.77
C ARG A 716 -4.67 -17.33 -6.19
N GLU A 717 -5.52 -18.15 -6.80
CA GLU A 717 -5.35 -18.46 -8.22
C GLU A 717 -5.47 -17.20 -9.06
N LEU A 718 -6.43 -16.31 -8.71
CA LEU A 718 -6.58 -15.08 -9.48
C LEU A 718 -5.35 -14.16 -9.33
N ASN A 719 -4.80 -14.08 -8.11
CA ASN A 719 -3.55 -13.36 -7.89
C ASN A 719 -2.47 -13.86 -8.84
N GLU A 720 -2.31 -15.18 -8.91
CA GLU A 720 -1.25 -15.74 -9.73
C GLU A 720 -1.52 -15.50 -11.21
N SER A 721 -2.76 -15.72 -11.65
CA SER A 721 -3.08 -15.48 -13.05
C SER A 721 -2.82 -14.03 -13.42
N TYR A 722 -2.90 -13.14 -12.44
CA TYR A 722 -2.92 -11.72 -12.73
C TYR A 722 -1.52 -11.10 -12.70
N PHE A 723 -0.83 -11.23 -11.57
CA PHE A 723 0.41 -10.48 -11.38
C PHE A 723 1.53 -11.02 -12.23
N ILE A 724 1.49 -12.29 -12.54
CA ILE A 724 2.52 -12.90 -13.38
C ILE A 724 2.06 -12.82 -14.82
N THR A 725 2.98 -12.49 -15.71
CA THR A 725 2.73 -12.54 -17.15
C THR A 725 3.10 -13.94 -17.62
N HIS A 726 2.11 -14.68 -18.09
CA HIS A 726 2.31 -16.01 -18.61
C HIS A 726 2.44 -15.99 -20.14
N GLU A 727 2.86 -17.11 -20.69
CA GLU A 727 2.83 -17.32 -22.14
C GLU A 727 1.40 -17.33 -22.67
N ASN A 728 1.20 -16.67 -23.81
CA ASN A 728 -0.12 -16.57 -24.44
C ASN A 728 -1.16 -15.98 -23.47
N ASP A 729 -0.75 -14.96 -22.73
CA ASP A 729 -1.60 -14.31 -21.74
C ASP A 729 -2.48 -13.24 -22.40
N LEU A 730 -3.62 -12.96 -21.77
CA LEU A 730 -4.49 -11.89 -22.22
C LEU A 730 -3.73 -10.56 -22.21
N PRO A 731 -4.06 -9.63 -23.09
CA PRO A 731 -3.45 -8.31 -23.05
C PRO A 731 -3.60 -7.67 -21.68
N LYS A 732 -2.66 -6.76 -21.36
CA LYS A 732 -2.56 -6.21 -20.00
C LYS A 732 -3.88 -5.60 -19.53
N ASN A 733 -4.43 -4.66 -20.29
CA ASN A 733 -5.62 -3.97 -19.80
C ASN A 733 -6.80 -4.91 -19.68
N ILE A 734 -6.81 -6.00 -20.43
CA ILE A 734 -7.90 -6.95 -20.30
C ILE A 734 -7.78 -7.69 -18.98
N LYS A 735 -6.58 -8.19 -18.66
CA LYS A 735 -6.39 -8.82 -17.35
C LYS A 735 -6.72 -7.84 -16.24
N ARG A 736 -6.38 -6.56 -16.47
CA ARG A 736 -6.65 -5.54 -15.46
C ARG A 736 -8.15 -5.36 -15.24
N PHE A 737 -8.92 -5.30 -16.32
CA PHE A 737 -10.36 -5.11 -16.16
C PHE A 737 -10.97 -6.30 -15.44
N ASN A 738 -10.64 -7.51 -15.88
CA ASN A 738 -11.12 -8.69 -15.20
C ASN A 738 -10.79 -8.63 -13.71
N PHE A 739 -9.56 -8.23 -13.38
CA PHE A 739 -9.15 -8.12 -11.97
C PHE A 739 -10.02 -7.12 -11.22
N GLU A 740 -10.18 -5.91 -11.79
CA GLU A 740 -10.97 -4.88 -11.13
C GLU A 740 -12.45 -5.20 -11.12
N MET A 741 -12.92 -6.01 -12.08
CA MET A 741 -14.33 -6.41 -12.07
C MET A 741 -14.62 -7.27 -10.86
N VAL A 742 -13.71 -8.16 -10.53
CA VAL A 742 -13.89 -8.94 -9.32
C VAL A 742 -13.89 -8.02 -8.10
N ARG A 743 -13.02 -7.02 -8.11
CA ARG A 743 -12.92 -6.16 -6.94
C ARG A 743 -14.13 -5.24 -6.81
N MET A 744 -14.64 -4.73 -7.94
CA MET A 744 -15.84 -3.92 -7.85
C MET A 744 -17.01 -4.75 -7.34
N MET A 745 -17.04 -6.04 -7.68
CA MET A 745 -18.04 -6.92 -7.12
C MET A 745 -17.82 -7.09 -5.61
N LEU A 746 -16.60 -7.43 -5.20
CA LEU A 746 -16.36 -7.81 -3.81
C LEU A 746 -16.61 -6.65 -2.84
N ILE A 747 -16.13 -5.44 -3.19
CA ILE A 747 -16.31 -4.28 -2.33
C ILE A 747 -17.79 -3.95 -2.18
N THR A 748 -18.58 -4.28 -3.19
CA THR A 748 -20.01 -4.08 -3.07
C THR A 748 -20.61 -4.94 -1.95
N TYR A 749 -19.98 -6.05 -1.57
CA TYR A 749 -20.44 -6.85 -0.43
C TYR A 749 -19.61 -6.67 0.83
N ASN A 750 -18.57 -5.85 0.80
CA ASN A 750 -17.78 -5.56 2.00
C ASN A 750 -18.58 -4.59 2.86
N GLU A 751 -19.42 -5.15 3.75
CA GLU A 751 -20.44 -4.36 4.42
C GLU A 751 -19.89 -3.39 5.44
N THR A 752 -18.65 -3.59 5.91
CA THR A 752 -17.95 -2.54 6.64
C THR A 752 -17.85 -1.28 5.79
N ARG A 753 -17.38 -1.43 4.55
CA ARG A 753 -17.21 -0.28 3.68
C ARG A 753 -18.55 0.28 3.22
N GLN A 754 -19.54 -0.60 2.97
CA GLN A 754 -20.80 -0.15 2.38
C GLN A 754 -21.54 0.82 3.31
N VAL A 755 -21.59 0.55 4.60
CA VAL A 755 -22.32 1.46 5.49
C VAL A 755 -21.54 2.76 5.72
N ASP A 756 -20.22 2.74 5.59
CA ASP A 756 -19.48 3.99 5.59
C ASP A 756 -19.93 4.89 4.42
N LEU A 757 -19.81 4.38 3.20
CA LEU A 757 -20.19 5.09 1.97
C LEU A 757 -21.69 5.23 1.81
N ASN A 763 -18.42 12.16 1.80
CA ASN A 763 -17.54 11.52 0.83
C ASN A 763 -17.92 11.89 -0.59
N GLU A 764 -17.12 11.43 -1.55
CA GLU A 764 -17.34 11.74 -2.95
C GLU A 764 -18.67 11.19 -3.44
N LEU A 765 -19.06 9.99 -2.97
CA LEU A 765 -20.23 9.32 -3.54
C LEU A 765 -21.50 10.09 -3.24
N LYS A 766 -21.60 10.69 -2.06
CA LYS A 766 -22.77 11.52 -1.76
C LYS A 766 -22.85 12.73 -2.68
N ASP A 767 -21.70 13.31 -3.02
CA ASP A 767 -21.70 14.38 -4.00
C ASP A 767 -22.15 13.89 -5.37
N MET A 768 -21.69 12.70 -5.78
CA MET A 768 -22.17 12.16 -7.05
C MET A 768 -23.66 11.94 -7.04
N ILE A 769 -24.20 11.45 -5.93
CA ILE A 769 -25.65 11.26 -5.83
C ILE A 769 -26.35 12.61 -5.98
N LYS A 770 -25.83 13.64 -5.32
CA LYS A 770 -26.52 14.92 -5.37
C LYS A 770 -26.46 15.52 -6.77
N PHE A 771 -25.27 15.55 -7.37
CA PHE A 771 -25.13 16.02 -8.74
C PHE A 771 -26.11 15.33 -9.69
N CYS A 772 -26.22 14.00 -9.58
CA CYS A 772 -27.17 13.29 -10.45
C CYS A 772 -28.62 13.69 -10.19
N LEU A 773 -28.97 13.93 -8.92
CA LEU A 773 -30.35 14.25 -8.63
C LEU A 773 -30.71 15.66 -9.08
N GLU A 774 -29.77 16.58 -8.93
CA GLU A 774 -29.97 17.91 -9.45
C GLU A 774 -30.08 17.89 -10.98
N THR A 775 -29.22 17.12 -11.64
CA THR A 775 -29.29 17.01 -13.09
C THR A 775 -30.62 16.40 -13.52
N TYR A 776 -31.10 15.39 -12.79
CA TYR A 776 -32.38 14.79 -13.14
C TYR A 776 -33.51 15.80 -13.01
N ARG A 777 -33.53 16.54 -11.89
CA ARG A 777 -34.63 17.48 -11.69
C ARG A 777 -34.73 18.47 -12.83
N THR A 778 -33.61 19.10 -13.19
CA THR A 778 -33.62 20.00 -14.32
C THR A 778 -34.19 19.34 -15.56
N LEU A 779 -33.83 18.08 -15.82
CA LEU A 779 -34.39 17.38 -16.97
C LEU A 779 -35.91 17.26 -16.84
N LEU A 780 -36.39 16.82 -15.67
CA LEU A 780 -37.82 16.57 -15.48
C LEU A 780 -38.62 17.86 -15.46
N GLU A 781 -38.00 18.95 -15.04
CA GLU A 781 -38.69 20.22 -15.13
C GLU A 781 -38.63 20.80 -16.54
N HIS A 782 -37.94 20.13 -17.47
CA HIS A 782 -37.60 20.68 -18.79
C HIS A 782 -36.99 22.07 -18.63
N HIS A 783 -36.22 22.23 -17.55
CA HIS A 783 -35.65 23.50 -17.10
C HIS A 783 -36.70 24.60 -17.00
N HIS A 784 -37.86 24.27 -16.42
CA HIS A 784 -38.71 25.28 -15.83
C HIS A 784 -38.66 25.12 -14.33
N HIS A 785 -38.36 26.21 -13.64
CA HIS A 785 -38.05 26.17 -12.22
C HIS A 785 -39.30 26.37 -11.37
N HIS A 786 -39.40 25.59 -10.28
CA HIS A 786 -40.58 25.55 -9.43
C HIS A 786 -40.18 25.78 -7.98
N HIS A 787 -41.06 26.44 -7.22
CA HIS A 787 -40.77 26.85 -5.84
C HIS A 787 -41.25 25.85 -4.80
N1 IMD B . 15.81 17.87 -2.08
C2 IMD B . 14.87 18.09 -1.12
N3 IMD B . 13.77 17.32 -1.37
C4 IMD B . 14.05 16.61 -2.49
C5 IMD B . 15.32 16.96 -2.94
C20 GRG C . 10.02 2.27 11.29
C19 GRG C . 11.44 2.80 9.27
C18 GRG C . 11.01 1.78 10.27
C17 GRG C . 11.57 0.59 10.25
C16 GRG C . 11.55 -0.59 11.19
C14 GRG C . 14.50 -2.86 10.02
C13 GRG C . 13.61 -1.67 9.87
C15 GRG C . 12.25 -1.80 10.54
C12 GRG C . 13.98 -0.59 9.17
C11 GRG C . 15.27 -0.37 8.43
C9 GRG C . 15.80 1.08 8.59
C8 GRG C . 17.07 1.18 9.40
C10 GRG C . 18.33 1.27 8.58
C7 GRG C . 17.06 1.19 10.72
C6 GRG C . 18.23 1.25 11.65
C5 GRG C . 17.95 2.08 12.93
C3 GRG C . 16.88 1.56 13.87
C4 GRG C . 17.37 0.61 14.93
C2 GRG C . 15.63 1.94 13.75
C1 GRG C . 14.54 1.47 14.64
O1 GRG C . 14.19 2.58 15.49
PA GRG C . 12.96 2.56 16.54
O1A GRG C . 12.09 3.77 16.20
O3A GRG C . 13.63 2.85 17.96
O2A GRG C . 12.23 1.27 16.49
PB GRG C . 14.04 2.01 19.26
O1B GRG C . 15.18 1.08 18.79
O2B GRG C . 14.59 3.04 20.24
O3B GRG C . 12.86 1.24 19.81
#